data_7XE8
#
_entry.id   7XE8
#
_cell.length_a   110.487
_cell.length_b   65.819
_cell.length_c   126.874
_cell.angle_alpha   90.000
_cell.angle_beta   103.772
_cell.angle_gamma   90.000
#
_symmetry.space_group_name_H-M   'C 1 2 1'
#
loop_
_entity.id
_entity.type
_entity.pdbx_description
1 polymer '6-phosphogluconate dehydrogenase NAD-binding'
2 water water
#
_entity_poly.entity_id   1
_entity_poly.type   'polypeptide(L)'
_entity_poly.pdbx_seq_one_letter_code
;MGSSHHHHHHSSGLVPRGSHMMSTPPHTTAGPAAVTVLGLGRMGSALAAAFLAAGHSTTVWNRTPGKADELAARGARRAG
SVAEAVAAAPLVVVCVADDEAVHQLLDPLDGALAGRTLVNLTTGTSAQARANAAWAKERGAAFLDGAIMAVPEDIATGDA
VLLYSGPRDAFDAYEEALRVLAPAGTTHLGGDAGLAALHDLALLGIMWGVLNGFLHGAALLGTAGVRAGDFAPLAARMTT
VVAGYVTAAAPEVDAGSYPAGDATLTVHQEAMRHLAEESEALGVNAELPRFLQLLAGRAVAEGHAESGYSALVEQFRKA
;
_entity_poly.pdbx_strand_id   C,A,B
#
# COMPACT_ATOMS: atom_id res chain seq x y z
N GLY A 31 33.28 20.04 -27.98
CA GLY A 31 31.86 20.04 -28.29
C GLY A 31 31.13 18.91 -27.57
N PRO A 32 30.06 18.39 -28.18
CA PRO A 32 29.28 17.34 -27.50
C PRO A 32 30.14 16.09 -27.29
N ALA A 33 30.00 15.49 -26.10
CA ALA A 33 30.74 14.27 -25.81
C ALA A 33 30.31 13.14 -26.73
N ALA A 34 31.25 12.29 -27.10
CA ALA A 34 30.85 11.03 -27.73
C ALA A 34 30.16 10.15 -26.71
N VAL A 35 29.17 9.38 -27.18
CA VAL A 35 28.40 8.50 -26.30
C VAL A 35 28.21 7.16 -26.98
N THR A 36 28.09 6.12 -26.15
CA THR A 36 27.73 4.78 -26.59
C THR A 36 26.43 4.40 -25.90
N VAL A 37 25.50 3.81 -26.66
CA VAL A 37 24.26 3.28 -26.11
C VAL A 37 24.24 1.78 -26.36
N LEU A 38 24.09 1.00 -25.31
CA LEU A 38 23.99 -0.46 -25.39
C LEU A 38 22.56 -0.81 -25.07
N GLY A 39 21.85 -1.36 -26.05
CA GLY A 39 20.46 -1.75 -25.91
C GLY A 39 19.63 -0.91 -26.88
N LEU A 40 19.01 -1.55 -27.88
CA LEU A 40 18.23 -0.85 -28.88
C LEU A 40 16.78 -1.37 -28.90
N GLY A 41 16.25 -1.70 -27.75
CA GLY A 41 14.81 -1.85 -27.64
C GLY A 41 14.11 -0.52 -27.86
N ARG A 42 12.80 -0.45 -27.63
CA ARG A 42 12.05 0.79 -27.86
C ARG A 42 12.67 1.95 -27.09
N MET A 43 13.00 1.72 -25.82
CA MET A 43 13.56 2.82 -25.04
C MET A 43 14.99 3.14 -25.46
N GLY A 44 15.85 2.14 -25.55
CA GLY A 44 17.25 2.41 -25.90
C GLY A 44 17.38 3.11 -27.25
N SER A 45 16.56 2.69 -28.21
CA SER A 45 16.54 3.35 -29.51
C SER A 45 16.17 4.82 -29.37
N ALA A 46 15.20 5.13 -28.50
CA ALA A 46 14.82 6.54 -28.29
C ALA A 46 15.98 7.33 -27.68
N LEU A 47 16.71 6.72 -26.75
CA LEU A 47 17.88 7.40 -26.17
C LEU A 47 18.92 7.69 -27.25
N ALA A 48 19.29 6.67 -28.03
CA ALA A 48 20.29 6.87 -29.08
C ALA A 48 19.85 7.94 -30.07
N ALA A 49 18.56 7.93 -30.47
CA ALA A 49 18.09 8.93 -31.41
C ALA A 49 18.22 10.33 -30.83
N ALA A 50 17.95 10.48 -29.53
CA ALA A 50 18.03 11.79 -28.92
C ALA A 50 19.46 12.28 -28.86
N PHE A 51 20.40 11.41 -28.47
CA PHE A 51 21.81 11.81 -28.48
C PHE A 51 22.22 12.26 -29.88
N LEU A 52 21.90 11.46 -30.88
CA LEU A 52 22.34 11.77 -32.24
C LEU A 52 21.70 13.06 -32.74
N ALA A 53 20.41 13.26 -32.45
CA ALA A 53 19.73 14.46 -32.92
C ALA A 53 20.33 15.73 -32.31
N ALA A 54 20.93 15.63 -31.11
CA ALA A 54 21.55 16.74 -30.43
C ALA A 54 23.01 16.93 -30.84
N GLY A 55 23.51 16.13 -31.78
CA GLY A 55 24.83 16.36 -32.32
C GLY A 55 25.93 15.54 -31.70
N HIS A 56 25.59 14.57 -30.85
CA HIS A 56 26.59 13.71 -30.25
C HIS A 56 26.96 12.57 -31.18
N SER A 57 28.26 12.32 -31.31
CA SER A 57 28.70 11.05 -31.88
C SER A 57 28.09 9.93 -31.06
N THR A 58 27.36 9.04 -31.72
CA THR A 58 26.52 8.05 -31.05
C THR A 58 26.83 6.67 -31.61
N THR A 59 27.42 5.83 -30.79
CA THR A 59 27.78 4.46 -31.15
C THR A 59 26.78 3.52 -30.48
N VAL A 60 26.24 2.58 -31.25
CA VAL A 60 25.15 1.75 -30.75
C VAL A 60 25.47 0.27 -30.94
N TRP A 61 24.84 -0.54 -30.08
CA TRP A 61 24.95 -2.00 -30.21
C TRP A 61 23.74 -2.64 -29.52
N ASN A 62 23.31 -3.80 -30.04
CA ASN A 62 22.16 -4.53 -29.50
C ASN A 62 22.38 -6.03 -29.68
N ARG A 63 21.85 -6.84 -28.75
CA ARG A 63 22.04 -8.29 -28.82
C ARG A 63 21.26 -8.88 -29.99
N THR A 64 20.00 -8.48 -30.15
CA THR A 64 19.18 -8.88 -31.28
C THR A 64 19.58 -8.07 -32.51
N PRO A 65 19.78 -8.70 -33.66
CA PRO A 65 20.26 -7.96 -34.84
C PRO A 65 19.15 -7.19 -35.56
N GLY A 66 19.57 -6.29 -36.43
CA GLY A 66 18.68 -5.57 -37.30
C GLY A 66 17.99 -4.34 -36.73
N LYS A 67 18.38 -3.89 -35.54
CA LYS A 67 17.71 -2.76 -34.87
C LYS A 67 18.44 -1.43 -35.03
N ALA A 68 19.60 -1.42 -35.68
CA ALA A 68 20.44 -0.22 -35.75
C ALA A 68 20.45 0.41 -37.13
N ASP A 69 19.65 -0.10 -38.07
CA ASP A 69 19.81 0.35 -39.45
C ASP A 69 19.35 1.79 -39.63
N GLU A 70 18.22 2.16 -39.02
CA GLU A 70 17.74 3.54 -39.16
C GLU A 70 18.67 4.52 -38.46
N LEU A 71 19.11 4.18 -37.25
CA LEU A 71 20.06 5.06 -36.56
C LEU A 71 21.34 5.24 -37.37
N ALA A 72 21.87 4.15 -37.93
CA ALA A 72 23.08 4.26 -38.73
C ALA A 72 22.84 5.14 -39.95
N ALA A 73 21.65 5.06 -40.55
CA ALA A 73 21.40 5.90 -41.72
C ALA A 73 21.43 7.37 -41.36
N ARG A 74 21.11 7.69 -40.09
CA ARG A 74 21.06 9.07 -39.63
C ARG A 74 22.40 9.57 -39.08
N GLY A 75 23.41 8.71 -39.05
CA GLY A 75 24.73 9.11 -38.58
C GLY A 75 25.27 8.34 -37.38
N ALA A 76 24.51 7.42 -36.78
CA ALA A 76 25.05 6.61 -35.69
C ALA A 76 26.07 5.60 -36.21
N ARG A 77 27.02 5.24 -35.35
CA ARG A 77 27.97 4.16 -35.66
C ARG A 77 27.44 2.85 -35.12
N ARG A 78 27.31 1.85 -35.98
CA ARG A 78 26.90 0.51 -35.57
C ARG A 78 28.16 -0.24 -35.15
N ALA A 79 28.33 -0.49 -33.85
CA ALA A 79 29.55 -1.13 -33.40
C ALA A 79 29.53 -2.61 -33.73
N GLY A 80 30.73 -3.17 -33.93
CA GLY A 80 30.82 -4.57 -34.27
C GLY A 80 30.76 -5.54 -33.11
N SER A 81 30.80 -5.04 -31.87
CA SER A 81 30.80 -5.88 -30.68
C SER A 81 30.56 -4.97 -29.48
N VAL A 82 30.23 -5.58 -28.34
CA VAL A 82 30.12 -4.81 -27.09
C VAL A 82 31.46 -4.17 -26.78
N ALA A 83 32.56 -4.92 -26.95
CA ALA A 83 33.88 -4.36 -26.65
C ALA A 83 34.18 -3.13 -27.52
N GLU A 84 33.92 -3.24 -28.83
CA GLU A 84 34.15 -2.10 -29.70
C GLU A 84 33.28 -0.91 -29.30
N ALA A 85 32.03 -1.18 -28.96
CA ALA A 85 31.12 -0.10 -28.58
C ALA A 85 31.62 0.65 -27.36
N VAL A 86 32.07 -0.08 -26.34
CA VAL A 86 32.51 0.55 -25.11
C VAL A 86 33.78 1.35 -25.35
N ALA A 87 34.65 0.85 -26.23
CA ALA A 87 35.87 1.58 -26.58
C ALA A 87 35.59 2.88 -27.31
N ALA A 88 34.38 3.09 -27.80
CA ALA A 88 34.15 4.20 -28.70
C ALA A 88 33.93 5.52 -27.97
N ALA A 89 33.62 5.48 -26.68
CA ALA A 89 33.14 6.69 -26.00
C ALA A 89 33.54 6.67 -24.55
N PRO A 90 33.70 7.83 -23.93
CA PRO A 90 33.92 7.87 -22.47
C PRO A 90 32.66 7.67 -21.68
N LEU A 91 31.50 7.88 -22.29
CA LEU A 91 30.21 7.82 -21.61
C LEU A 91 29.47 6.64 -22.22
N VAL A 92 29.18 5.64 -21.41
CA VAL A 92 28.55 4.41 -21.86
C VAL A 92 27.20 4.29 -21.18
N VAL A 93 26.13 4.39 -21.96
CA VAL A 93 24.75 4.34 -21.46
C VAL A 93 24.20 2.96 -21.78
N VAL A 94 23.70 2.27 -20.76
CA VAL A 94 23.14 0.92 -20.91
C VAL A 94 21.64 0.98 -20.64
N CYS A 95 20.86 0.36 -21.52
CA CYS A 95 19.41 0.33 -21.32
C CYS A 95 18.91 -0.98 -21.94
N VAL A 96 18.86 -2.02 -21.11
CA VAL A 96 18.49 -3.35 -21.59
C VAL A 96 17.39 -3.85 -20.66
N ALA A 97 17.09 -5.14 -20.71
CA ALA A 97 15.86 -5.63 -20.07
C ALA A 97 15.96 -5.61 -18.55
N ASP A 98 17.07 -6.07 -17.98
CA ASP A 98 17.18 -6.14 -16.53
C ASP A 98 18.65 -6.30 -16.17
N ASP A 99 18.92 -6.37 -14.86
CA ASP A 99 20.30 -6.38 -14.40
C ASP A 99 21.03 -7.62 -14.88
N GLU A 100 20.34 -8.75 -14.96
CA GLU A 100 20.98 -9.95 -15.50
C GLU A 100 21.46 -9.69 -16.93
N ALA A 101 20.64 -9.02 -17.73
CA ALA A 101 21.03 -8.68 -19.10
C ALA A 101 22.23 -7.74 -19.12
N VAL A 102 22.30 -6.79 -18.18
CA VAL A 102 23.44 -5.88 -18.11
C VAL A 102 24.73 -6.66 -17.94
N HIS A 103 24.74 -7.59 -17.00
CA HIS A 103 25.96 -8.32 -16.72
C HIS A 103 26.27 -9.35 -17.79
N GLN A 104 25.25 -9.85 -18.49
CA GLN A 104 25.51 -10.70 -19.64
C GLN A 104 26.32 -9.96 -20.70
N LEU A 105 26.04 -8.66 -20.92
CA LEU A 105 26.83 -7.88 -21.89
C LEU A 105 28.19 -7.50 -21.35
N LEU A 106 28.29 -7.14 -20.07
CA LEU A 106 29.47 -6.42 -19.63
C LEU A 106 30.46 -7.29 -18.87
N ASP A 107 30.00 -8.33 -18.17
CA ASP A 107 30.91 -9.18 -17.43
C ASP A 107 32.03 -9.77 -18.27
N PRO A 108 31.84 -10.16 -19.54
CA PRO A 108 32.96 -10.71 -20.31
C PRO A 108 34.06 -9.71 -20.62
N LEU A 109 33.82 -8.42 -20.48
CA LEU A 109 34.84 -7.45 -20.86
C LEU A 109 36.02 -7.52 -19.91
N ASP A 110 37.20 -7.20 -20.43
CA ASP A 110 38.42 -7.24 -19.65
C ASP A 110 39.18 -5.95 -19.89
N GLY A 111 39.10 -5.02 -18.94
CA GLY A 111 39.77 -3.74 -19.10
C GLY A 111 39.05 -2.75 -20.00
N ALA A 112 37.90 -3.12 -20.58
CA ALA A 112 37.26 -2.23 -21.54
C ALA A 112 36.71 -0.98 -20.86
N LEU A 113 36.20 -1.11 -19.64
CA LEU A 113 35.51 -0.01 -18.97
C LEU A 113 36.44 0.92 -18.20
N ALA A 114 37.71 0.57 -18.03
CA ALA A 114 38.59 1.43 -17.25
C ALA A 114 38.61 2.86 -17.80
N GLY A 115 38.45 3.82 -16.90
CA GLY A 115 38.49 5.22 -17.25
C GLY A 115 37.21 5.78 -17.83
N ARG A 116 36.17 4.97 -17.96
CA ARG A 116 34.91 5.43 -18.54
C ARG A 116 33.88 5.67 -17.44
N THR A 117 32.76 6.25 -17.83
CA THR A 117 31.62 6.45 -16.96
C THR A 117 30.46 5.62 -17.49
N LEU A 118 30.00 4.68 -16.68
CA LEU A 118 28.90 3.81 -17.01
C LEU A 118 27.61 4.38 -16.41
N VAL A 119 26.57 4.49 -17.22
CA VAL A 119 25.29 5.02 -16.77
C VAL A 119 24.25 3.95 -17.05
N ASN A 120 23.70 3.34 -16.00
CA ASN A 120 22.77 2.22 -16.21
C ASN A 120 21.32 2.70 -16.12
N LEU A 121 20.69 2.94 -17.28
CA LEU A 121 19.29 3.32 -17.27
C LEU A 121 18.35 2.10 -17.32
N THR A 122 18.91 0.89 -17.34
CA THR A 122 18.12 -0.32 -17.11
C THR A 122 17.37 -0.24 -15.78
N THR A 123 16.14 -0.77 -15.76
CA THR A 123 15.39 -0.85 -14.52
C THR A 123 16.03 -1.88 -13.58
N GLY A 124 16.05 -1.57 -12.29
CA GLY A 124 16.53 -2.53 -11.33
C GLY A 124 16.27 -2.10 -9.90
N THR A 125 16.89 -2.82 -8.97
CA THR A 125 16.71 -2.53 -7.56
C THR A 125 17.84 -1.68 -7.02
N SER A 126 17.61 -1.13 -5.82
CA SER A 126 18.67 -0.37 -5.15
C SER A 126 19.87 -1.25 -4.84
N ALA A 127 19.63 -2.51 -4.45
CA ALA A 127 20.75 -3.40 -4.17
C ALA A 127 21.57 -3.67 -5.42
N GLN A 128 20.91 -3.86 -6.57
CA GLN A 128 21.63 -4.07 -7.81
C GLN A 128 22.46 -2.84 -8.17
N ALA A 129 21.92 -1.65 -7.89
CA ALA A 129 22.61 -0.40 -8.18
C ALA A 129 23.86 -0.26 -7.32
N ARG A 130 23.74 -0.56 -6.03
CA ARG A 130 24.91 -0.46 -5.17
C ARG A 130 25.95 -1.50 -5.53
N ALA A 131 25.50 -2.70 -5.86
CA ALA A 131 26.42 -3.75 -6.26
C ALA A 131 27.11 -3.38 -7.57
N ASN A 132 26.38 -2.72 -8.48
CA ASN A 132 26.97 -2.26 -9.74
C ASN A 132 28.02 -1.18 -9.52
N ALA A 133 27.80 -0.29 -8.54
CA ALA A 133 28.80 0.74 -8.27
C ALA A 133 30.12 0.12 -7.83
N ALA A 134 30.06 -0.88 -6.95
CA ALA A 134 31.25 -1.58 -6.51
C ALA A 134 31.86 -2.41 -7.64
N TRP A 135 31.02 -3.07 -8.43
CA TRP A 135 31.47 -3.83 -9.59
C TRP A 135 32.21 -2.94 -10.58
N ALA A 136 31.66 -1.75 -10.86
CA ALA A 136 32.28 -0.82 -11.80
C ALA A 136 33.57 -0.26 -11.22
N LYS A 137 33.59 0.05 -9.92
CA LYS A 137 34.82 0.60 -9.34
C LYS A 137 35.98 -0.38 -9.46
N GLU A 138 35.71 -1.67 -9.31
CA GLU A 138 36.76 -2.67 -9.46
C GLU A 138 37.27 -2.75 -10.89
N ARG A 139 36.47 -2.33 -11.86
CA ARG A 139 36.90 -2.29 -13.26
C ARG A 139 37.41 -0.92 -13.65
N GLY A 140 37.59 -0.01 -12.69
CA GLY A 140 38.13 1.30 -12.97
C GLY A 140 37.17 2.27 -13.61
N ALA A 141 35.87 1.99 -13.50
CA ALA A 141 34.83 2.80 -14.11
C ALA A 141 34.05 3.57 -13.05
N ALA A 142 33.68 4.79 -13.41
CA ALA A 142 32.70 5.56 -12.66
C ALA A 142 31.31 5.01 -12.98
N PHE A 143 30.37 5.21 -12.08
CA PHE A 143 29.06 4.61 -12.28
C PHE A 143 27.96 5.54 -11.79
N LEU A 144 26.91 5.71 -12.59
CA LEU A 144 25.67 6.35 -12.18
C LEU A 144 24.55 5.39 -12.49
N ASP A 145 23.71 5.13 -11.50
CA ASP A 145 22.46 4.46 -11.80
C ASP A 145 21.45 5.50 -12.22
N GLY A 146 20.57 5.13 -13.15
CA GLY A 146 19.53 6.03 -13.55
C GLY A 146 18.20 5.32 -13.59
N ALA A 147 17.14 6.11 -13.51
CA ALA A 147 15.79 5.59 -13.66
C ALA A 147 15.07 6.47 -14.65
N ILE A 148 14.45 5.85 -15.67
CA ILE A 148 13.76 6.62 -16.71
C ILE A 148 12.29 6.71 -16.33
N MET A 149 11.85 7.91 -15.97
CA MET A 149 10.47 8.13 -15.52
C MET A 149 9.70 8.74 -16.70
N ALA A 150 9.56 7.94 -17.76
CA ALA A 150 9.05 8.43 -19.04
C ALA A 150 8.78 7.24 -19.93
N VAL A 151 7.83 7.37 -20.86
CA VAL A 151 7.73 6.41 -21.97
C VAL A 151 8.67 6.81 -23.09
N PRO A 152 9.03 5.87 -23.97
CA PRO A 152 10.03 6.20 -25.03
C PRO A 152 9.68 7.42 -25.86
N GLU A 153 8.41 7.61 -26.22
CA GLU A 153 8.07 8.74 -27.08
C GLU A 153 8.24 10.08 -26.37
N ASP A 154 8.32 10.11 -25.04
CA ASP A 154 8.54 11.36 -24.32
C ASP A 154 10.02 11.66 -24.07
N ILE A 155 10.95 10.76 -24.43
CA ILE A 155 12.37 11.08 -24.34
C ILE A 155 12.63 12.32 -25.19
N ALA A 156 13.49 13.22 -24.69
CA ALA A 156 13.90 14.44 -25.37
C ALA A 156 12.77 15.46 -25.47
N THR A 157 11.70 15.29 -24.69
CA THR A 157 10.65 16.30 -24.57
C THR A 157 10.67 16.91 -23.17
N GLY A 158 9.94 18.02 -23.02
CA GLY A 158 9.82 18.65 -21.71
C GLY A 158 9.11 17.80 -20.67
N ASP A 159 8.45 16.73 -21.09
CA ASP A 159 7.73 15.86 -20.17
C ASP A 159 8.61 14.77 -19.55
N ALA A 160 9.77 14.47 -20.14
CA ALA A 160 10.61 13.40 -19.65
C ALA A 160 11.23 13.76 -18.32
N VAL A 161 11.37 12.76 -17.46
CA VAL A 161 12.10 12.91 -16.21
C VAL A 161 13.05 11.74 -16.11
N LEU A 162 14.34 12.01 -15.93
CA LEU A 162 15.31 10.94 -15.71
C LEU A 162 16.07 11.26 -14.43
N LEU A 163 16.20 10.27 -13.56
CA LEU A 163 16.78 10.44 -12.24
C LEU A 163 18.09 9.67 -12.15
N TYR A 164 19.09 10.26 -11.49
CA TYR A 164 20.42 9.69 -11.41
C TYR A 164 20.91 9.67 -9.98
N SER A 165 21.76 8.68 -9.68
CA SER A 165 22.37 8.66 -8.36
C SER A 165 23.73 7.98 -8.45
N GLY A 166 24.64 8.37 -7.56
CA GLY A 166 26.02 7.96 -7.62
C GLY A 166 26.93 9.19 -7.54
N PRO A 167 28.24 9.00 -7.78
CA PRO A 167 29.19 10.11 -7.59
C PRO A 167 28.82 11.36 -8.38
N ARG A 168 28.75 12.49 -7.66
CA ARG A 168 28.35 13.74 -8.29
C ARG A 168 29.33 14.18 -9.39
N ASP A 169 30.62 13.84 -9.25
CA ASP A 169 31.60 14.31 -10.23
C ASP A 169 31.26 13.78 -11.62
N ALA A 170 30.85 12.50 -11.70
CA ALA A 170 30.48 11.92 -13.00
C ALA A 170 29.23 12.57 -13.57
N PHE A 171 28.20 12.82 -12.74
CA PHE A 171 27.00 13.50 -13.21
C PHE A 171 27.34 14.90 -13.70
N ASP A 172 28.12 15.65 -12.92
CA ASP A 172 28.43 17.03 -13.34
C ASP A 172 29.19 17.05 -14.67
N ALA A 173 30.09 16.10 -14.88
CA ALA A 173 30.91 16.07 -16.08
C ALA A 173 30.06 15.82 -17.31
N TYR A 174 29.01 15.02 -17.16
CA TYR A 174 28.24 14.59 -18.32
C TYR A 174 26.82 15.14 -18.32
N GLU A 175 26.49 16.05 -17.41
CA GLU A 175 25.12 16.56 -17.29
C GLU A 175 24.62 17.11 -18.62
N GLU A 176 25.47 17.85 -19.34
CA GLU A 176 25.03 18.45 -20.59
C GLU A 176 24.70 17.40 -21.63
N ALA A 177 25.44 16.28 -21.67
CA ALA A 177 25.04 15.18 -22.55
C ALA A 177 23.79 14.48 -22.04
N LEU A 178 23.74 14.19 -20.73
CA LEU A 178 22.59 13.46 -20.21
C LEU A 178 21.32 14.26 -20.38
N ARG A 179 21.43 15.59 -20.30
CA ARG A 179 20.23 16.42 -20.30
C ARG A 179 19.48 16.33 -21.63
N VAL A 180 20.15 15.97 -22.73
CA VAL A 180 19.39 15.86 -23.98
C VAL A 180 18.25 14.86 -23.86
N LEU A 181 18.36 13.88 -22.95
CA LEU A 181 17.31 12.88 -22.80
C LEU A 181 16.09 13.43 -22.06
N ALA A 182 16.29 14.45 -21.25
CA ALA A 182 15.21 15.04 -20.45
C ALA A 182 15.60 16.49 -20.19
N PRO A 183 15.45 17.36 -21.19
CA PRO A 183 16.07 18.69 -21.07
C PRO A 183 15.51 19.52 -19.94
N ALA A 184 14.28 19.24 -19.53
CA ALA A 184 13.62 19.94 -18.43
C ALA A 184 13.36 19.00 -17.25
N GLY A 185 14.08 17.90 -17.18
CA GLY A 185 13.74 16.90 -16.18
C GLY A 185 14.88 15.98 -15.79
N THR A 186 16.11 16.47 -15.85
CA THR A 186 17.28 15.68 -15.50
C THR A 186 17.73 16.04 -14.08
N THR A 187 17.71 15.08 -13.17
CA THR A 187 17.93 15.35 -11.76
C THR A 187 18.91 14.37 -11.14
N HIS A 188 19.93 14.89 -10.46
CA HIS A 188 20.81 14.05 -9.66
C HIS A 188 20.27 14.03 -8.23
N LEU A 189 20.04 12.82 -7.71
CA LEU A 189 19.36 12.66 -6.43
C LEU A 189 20.30 12.68 -5.25
N GLY A 190 21.55 12.33 -5.45
CA GLY A 190 22.50 12.25 -4.36
C GLY A 190 23.52 11.17 -4.63
N GLY A 191 24.45 11.04 -3.69
CA GLY A 191 25.61 10.18 -3.92
C GLY A 191 25.38 8.70 -3.74
N ASP A 192 24.38 8.31 -2.94
CA ASP A 192 24.13 6.89 -2.71
C ASP A 192 23.60 6.28 -4.00
N ALA A 193 24.32 5.28 -4.55
CA ALA A 193 23.98 4.75 -5.87
C ALA A 193 22.59 4.13 -5.90
N GLY A 194 22.06 3.74 -4.74
CA GLY A 194 20.74 3.15 -4.69
C GLY A 194 19.58 4.10 -4.70
N LEU A 195 19.82 5.40 -4.75
CA LEU A 195 18.73 6.38 -4.57
C LEU A 195 17.80 6.41 -5.76
N ALA A 196 18.33 6.27 -6.98
CA ALA A 196 17.47 6.35 -8.17
C ALA A 196 16.43 5.24 -8.16
N ALA A 197 16.86 4.02 -7.84
CA ALA A 197 15.93 2.90 -7.84
C ALA A 197 14.86 3.07 -6.75
N LEU A 198 15.24 3.61 -5.59
CA LEU A 198 14.24 3.84 -4.56
C LEU A 198 13.21 4.87 -5.02
N HIS A 199 13.68 5.97 -5.62
CA HIS A 199 12.76 6.98 -6.14
C HIS A 199 11.90 6.42 -7.25
N ASP A 200 12.48 5.59 -8.13
CA ASP A 200 11.72 4.94 -9.20
C ASP A 200 10.54 4.16 -8.63
N LEU A 201 10.79 3.27 -7.67
CA LEU A 201 9.71 2.48 -7.10
C LEU A 201 8.67 3.36 -6.41
N ALA A 202 9.11 4.39 -5.68
CA ALA A 202 8.16 5.28 -5.01
C ALA A 202 7.26 5.99 -6.02
N LEU A 203 7.82 6.44 -7.12
CA LEU A 203 7.02 7.12 -8.13
C LEU A 203 6.10 6.14 -8.86
N LEU A 204 6.57 4.91 -9.10
CA LEU A 204 5.68 3.91 -9.67
C LEU A 204 4.52 3.65 -8.73
N GLY A 205 4.75 3.71 -7.41
CA GLY A 205 3.64 3.56 -6.48
C GLY A 205 2.54 4.58 -6.73
N ILE A 206 2.92 5.82 -7.05
CA ILE A 206 1.91 6.82 -7.38
C ILE A 206 1.23 6.50 -8.71
N MET A 207 2.01 6.08 -9.71
CA MET A 207 1.41 5.74 -10.99
C MET A 207 0.36 4.64 -10.83
N TRP A 208 0.70 3.60 -10.07
CA TRP A 208 -0.26 2.52 -9.89
C TRP A 208 -1.49 3.00 -9.11
N GLY A 209 -1.29 3.88 -8.12
CA GLY A 209 -2.45 4.47 -7.46
C GLY A 209 -3.39 5.18 -8.41
N VAL A 210 -2.83 5.97 -9.34
CA VAL A 210 -3.65 6.69 -10.32
C VAL A 210 -4.37 5.70 -11.22
N LEU A 211 -3.61 4.77 -11.82
CA LEU A 211 -4.20 3.87 -12.80
C LEU A 211 -5.26 2.97 -12.17
N ASN A 212 -4.99 2.44 -10.96
CA ASN A 212 -6.00 1.63 -10.27
C ASN A 212 -7.26 2.43 -10.01
N GLY A 213 -7.11 3.66 -9.55
CA GLY A 213 -8.30 4.49 -9.35
C GLY A 213 -9.05 4.75 -10.65
N PHE A 214 -8.32 5.00 -11.75
CA PHE A 214 -8.98 5.21 -13.03
C PHE A 214 -9.71 3.95 -13.49
N LEU A 215 -9.02 2.81 -13.41
CA LEU A 215 -9.60 1.57 -13.96
C LEU A 215 -10.73 1.05 -13.08
N HIS A 216 -10.61 1.17 -11.76
CA HIS A 216 -11.74 0.79 -10.91
C HIS A 216 -12.93 1.71 -11.17
N GLY A 217 -12.67 3.01 -11.33
CA GLY A 217 -13.76 3.93 -11.64
C GLY A 217 -14.34 3.69 -13.02
N ALA A 218 -13.50 3.31 -13.99
CA ALA A 218 -14.03 2.96 -15.31
C ALA A 218 -14.93 1.72 -15.21
N ALA A 219 -14.55 0.74 -14.40
CA ALA A 219 -15.43 -0.41 -14.20
C ALA A 219 -16.74 -0.01 -13.55
N LEU A 220 -16.66 0.83 -12.50
CA LEU A 220 -17.86 1.28 -11.79
C LEU A 220 -18.79 2.05 -12.71
N LEU A 221 -18.27 3.07 -13.39
CA LEU A 221 -19.11 3.91 -14.22
C LEU A 221 -19.54 3.19 -15.48
N GLY A 222 -18.76 2.20 -15.93
CA GLY A 222 -19.17 1.43 -17.08
C GLY A 222 -20.49 0.71 -16.88
N THR A 223 -20.78 0.29 -15.64
CA THR A 223 -22.08 -0.32 -15.38
C THR A 223 -23.23 0.63 -15.66
N ALA A 224 -22.99 1.94 -15.59
CA ALA A 224 -24.01 2.94 -15.86
C ALA A 224 -23.94 3.46 -17.29
N GLY A 225 -23.21 2.78 -18.16
CA GLY A 225 -23.15 3.17 -19.54
C GLY A 225 -22.14 4.23 -19.86
N VAL A 226 -21.26 4.58 -18.92
CA VAL A 226 -20.24 5.59 -19.14
C VAL A 226 -19.02 4.93 -19.77
N ARG A 227 -18.65 5.38 -20.96
CA ARG A 227 -17.46 4.87 -21.63
C ARG A 227 -16.22 5.40 -20.93
N ALA A 228 -15.14 4.62 -20.96
CA ALA A 228 -13.90 5.07 -20.32
C ALA A 228 -13.42 6.37 -20.95
N GLY A 229 -13.67 6.55 -22.25
CA GLY A 229 -13.26 7.78 -22.89
C GLY A 229 -14.04 9.00 -22.43
N ASP A 230 -15.24 8.81 -21.91
CA ASP A 230 -16.00 9.92 -21.35
C ASP A 230 -15.63 10.20 -19.90
N PHE A 231 -15.12 9.19 -19.19
CA PHE A 231 -14.65 9.39 -17.82
C PHE A 231 -13.24 9.95 -17.80
N ALA A 232 -12.42 9.52 -18.77
CA ALA A 232 -11.00 9.89 -18.74
C ALA A 232 -10.71 11.37 -18.62
N PRO A 233 -11.39 12.27 -19.34
CA PRO A 233 -11.05 13.70 -19.16
C PRO A 233 -11.30 14.19 -17.75
N LEU A 234 -12.39 13.75 -17.12
CA LEU A 234 -12.60 14.09 -15.71
C LEU A 234 -11.52 13.46 -14.83
N ALA A 235 -11.22 12.17 -15.07
CA ALA A 235 -10.22 11.48 -14.27
C ALA A 235 -8.84 12.11 -14.41
N ALA A 236 -8.46 12.52 -15.63
CA ALA A 236 -7.18 13.18 -15.84
C ALA A 236 -7.15 14.55 -15.18
N ARG A 237 -8.24 15.30 -15.31
CA ARG A 237 -8.28 16.60 -14.64
C ARG A 237 -8.15 16.48 -13.14
N MET A 238 -8.92 15.58 -12.54
CA MET A 238 -8.84 15.37 -11.10
C MET A 238 -7.45 14.91 -10.68
N THR A 239 -6.81 14.06 -11.48
CA THR A 239 -5.46 13.63 -11.16
C THR A 239 -4.52 14.83 -11.08
N THR A 240 -4.66 15.78 -12.01
CA THR A 240 -3.83 16.97 -12.01
C THR A 240 -4.12 17.85 -10.79
N VAL A 241 -5.39 17.92 -10.40
CA VAL A 241 -5.75 18.65 -9.18
C VAL A 241 -5.11 18.01 -7.97
N VAL A 242 -5.16 16.68 -7.88
CA VAL A 242 -4.64 16.01 -6.70
C VAL A 242 -3.13 16.16 -6.64
N ALA A 243 -2.44 16.38 -7.77
CA ALA A 243 -1.03 16.69 -7.72
C ALA A 243 -0.76 17.89 -6.81
N GLY A 244 -1.62 18.91 -6.89
CA GLY A 244 -1.49 20.02 -5.96
C GLY A 244 -1.76 19.65 -4.52
N TYR A 245 -2.60 18.66 -4.28
CA TYR A 245 -2.83 18.22 -2.90
C TYR A 245 -1.59 17.50 -2.37
N VAL A 246 -0.82 16.86 -3.24
CA VAL A 246 0.44 16.26 -2.81
C VAL A 246 1.39 17.33 -2.31
N THR A 247 1.50 18.43 -3.08
CA THR A 247 2.35 19.55 -2.65
C THR A 247 1.90 20.08 -1.29
N ALA A 248 0.59 20.23 -1.10
CA ALA A 248 0.08 20.72 0.18
C ALA A 248 0.37 19.77 1.32
N ALA A 249 0.41 18.47 1.04
CA ALA A 249 0.57 17.48 2.10
C ALA A 249 2.00 17.43 2.62
N ALA A 250 2.98 17.75 1.78
CA ALA A 250 4.38 17.55 2.16
C ALA A 250 4.77 18.25 3.47
N PRO A 251 4.44 19.54 3.70
CA PRO A 251 4.81 20.16 4.98
C PRO A 251 4.17 19.49 6.18
N GLU A 252 2.95 18.95 6.01
CA GLU A 252 2.28 18.24 7.10
C GLU A 252 3.08 17.00 7.49
N VAL A 253 3.50 16.22 6.49
CA VAL A 253 4.33 15.06 6.75
C VAL A 253 5.62 15.48 7.44
N ASP A 254 6.23 16.56 6.99
CA ASP A 254 7.54 16.91 7.53
C ASP A 254 7.43 17.48 8.95
N ALA A 255 6.31 18.12 9.26
CA ALA A 255 6.08 18.62 10.63
C ALA A 255 5.53 17.55 11.58
N GLY A 256 5.05 16.43 11.05
CA GLY A 256 4.34 15.47 11.89
C GLY A 256 3.07 16.02 12.48
N SER A 257 2.44 16.98 11.81
CA SER A 257 1.22 17.62 12.28
C SER A 257 0.22 17.58 11.15
N TYR A 258 -0.99 17.07 11.42
CA TYR A 258 -1.92 16.66 10.38
C TYR A 258 -3.28 17.29 10.57
N PRO A 259 -3.42 18.58 10.25
CA PRO A 259 -4.72 19.25 10.37
C PRO A 259 -5.76 18.65 9.45
N ALA A 260 -7.01 18.67 9.91
CA ALA A 260 -8.11 18.06 9.17
C ALA A 260 -8.35 18.73 7.82
N GLY A 261 -8.08 20.03 7.71
CA GLY A 261 -8.47 20.71 6.48
C GLY A 261 -9.97 20.61 6.30
N ASP A 262 -10.40 20.23 5.09
CA ASP A 262 -11.82 20.09 4.80
C ASP A 262 -12.32 18.65 4.92
N ALA A 263 -11.54 17.75 5.51
CA ALA A 263 -12.02 16.38 5.72
C ALA A 263 -11.14 15.67 6.74
N THR A 264 -11.72 15.35 7.90
CA THR A 264 -11.07 14.46 8.85
C THR A 264 -10.96 13.06 8.26
N LEU A 265 -10.14 12.23 8.90
CA LEU A 265 -10.05 10.85 8.41
C LEU A 265 -11.36 10.09 8.67
N THR A 266 -12.16 10.54 9.65
CA THR A 266 -13.50 9.97 9.81
C THR A 266 -14.36 10.24 8.59
N VAL A 267 -14.31 11.48 8.08
CA VAL A 267 -15.05 11.80 6.85
C VAL A 267 -14.51 10.99 5.67
N HIS A 268 -13.17 10.89 5.54
CA HIS A 268 -12.60 10.09 4.45
C HIS A 268 -13.05 8.64 4.56
N GLN A 269 -13.05 8.11 5.78
CA GLN A 269 -13.39 6.71 6.00
C GLN A 269 -14.81 6.43 5.55
N GLU A 270 -15.74 7.33 5.87
CA GLU A 270 -17.14 7.15 5.49
C GLU A 270 -17.33 7.19 3.98
N ALA A 271 -16.62 8.09 3.28
CA ALA A 271 -16.75 8.13 1.83
C ALA A 271 -16.16 6.88 1.19
N MET A 272 -15.08 6.35 1.78
CA MET A 272 -14.48 5.11 1.29
C MET A 272 -15.46 3.97 1.44
N ARG A 273 -16.13 3.89 2.59
CA ARG A 273 -17.20 2.91 2.79
C ARG A 273 -18.29 3.07 1.74
N HIS A 274 -18.66 4.32 1.42
CA HIS A 274 -19.63 4.57 0.35
C HIS A 274 -19.13 4.04 -1.00
N LEU A 275 -17.86 4.26 -1.33
CA LEU A 275 -17.34 3.71 -2.59
C LEU A 275 -17.38 2.19 -2.60
N ALA A 276 -17.13 1.57 -1.44
CA ALA A 276 -17.24 0.12 -1.37
C ALA A 276 -18.70 -0.32 -1.56
N GLU A 277 -19.63 0.43 -0.98
CA GLU A 277 -21.05 0.09 -1.11
C GLU A 277 -21.49 0.24 -2.55
N GLU A 278 -21.06 1.31 -3.22
CA GLU A 278 -21.42 1.44 -4.63
C GLU A 278 -20.91 0.25 -5.42
N SER A 279 -19.67 -0.15 -5.13
CA SER A 279 -19.08 -1.25 -5.87
C SER A 279 -19.88 -2.53 -5.65
N GLU A 280 -20.14 -2.84 -4.38
CA GLU A 280 -20.83 -4.09 -4.08
C GLU A 280 -22.22 -4.12 -4.70
N ALA A 281 -22.91 -2.96 -4.73
CA ALA A 281 -24.26 -2.96 -5.28
C ALA A 281 -24.27 -3.14 -6.81
N LEU A 282 -23.19 -2.77 -7.49
CA LEU A 282 -23.09 -2.91 -8.93
C LEU A 282 -22.33 -4.15 -9.37
N GLY A 283 -21.89 -4.98 -8.43
CA GLY A 283 -21.20 -6.17 -8.87
C GLY A 283 -19.80 -5.89 -9.36
N VAL A 284 -19.23 -4.80 -8.93
CA VAL A 284 -17.88 -4.40 -9.27
C VAL A 284 -16.98 -4.76 -8.11
N ASN A 285 -15.72 -5.11 -8.39
CA ASN A 285 -14.86 -5.56 -7.31
C ASN A 285 -14.71 -4.49 -6.22
N ALA A 286 -14.84 -4.88 -4.96
CA ALA A 286 -14.78 -3.88 -3.89
C ALA A 286 -13.53 -4.03 -3.04
N GLU A 287 -12.58 -4.88 -3.44
CA GLU A 287 -11.39 -5.06 -2.59
C GLU A 287 -10.55 -3.80 -2.49
N LEU A 288 -10.49 -3.00 -3.56
CA LEU A 288 -9.70 -1.77 -3.50
C LEU A 288 -10.33 -0.75 -2.55
N PRO A 289 -11.61 -0.38 -2.68
CA PRO A 289 -12.13 0.59 -1.69
C PRO A 289 -12.14 0.03 -0.26
N ARG A 290 -12.30 -1.29 -0.08
CA ARG A 290 -12.23 -1.82 1.29
C ARG A 290 -10.82 -1.69 1.86
N PHE A 291 -9.80 -1.92 1.02
CA PHE A 291 -8.43 -1.75 1.48
C PHE A 291 -8.16 -0.30 1.86
N LEU A 292 -8.62 0.64 1.03
CA LEU A 292 -8.47 2.05 1.39
C LEU A 292 -9.12 2.35 2.73
N GLN A 293 -10.35 1.84 2.92
CA GLN A 293 -11.09 2.04 4.15
C GLN A 293 -10.33 1.46 5.34
N LEU A 294 -9.65 0.33 5.14
CA LEU A 294 -8.86 -0.26 6.22
C LEU A 294 -7.70 0.63 6.61
N LEU A 295 -6.99 1.24 5.64
CA LEU A 295 -5.91 2.12 6.04
C LEU A 295 -6.44 3.26 6.90
N ALA A 296 -7.53 3.89 6.44
CA ALA A 296 -8.12 4.98 7.22
C ALA A 296 -8.62 4.48 8.56
N GLY A 297 -9.30 3.33 8.57
CA GLY A 297 -9.85 2.82 9.83
C GLY A 297 -8.78 2.53 10.84
N ARG A 298 -7.62 2.06 10.38
CA ARG A 298 -6.51 1.82 11.29
C ARG A 298 -6.02 3.13 11.88
N ALA A 299 -5.79 4.13 11.03
CA ALA A 299 -5.37 5.43 11.54
C ALA A 299 -6.38 5.97 12.54
N VAL A 300 -7.68 5.77 12.28
CA VAL A 300 -8.71 6.25 13.19
C VAL A 300 -8.61 5.54 14.54
N ALA A 301 -8.38 4.23 14.51
CA ALA A 301 -8.25 3.45 15.73
C ALA A 301 -7.00 3.80 16.52
N GLU A 302 -6.02 4.46 15.91
CA GLU A 302 -4.80 4.84 16.59
C GLU A 302 -4.76 6.32 16.94
N GLY A 303 -5.90 6.99 16.98
CA GLY A 303 -6.02 8.34 17.50
C GLY A 303 -6.20 9.46 16.49
N HIS A 304 -6.40 9.14 15.21
CA HIS A 304 -6.45 10.19 14.18
C HIS A 304 -7.84 10.41 13.60
N ALA A 305 -8.90 10.14 14.37
CA ALA A 305 -10.25 10.37 13.88
C ALA A 305 -10.45 11.80 13.40
N GLU A 306 -9.84 12.77 14.10
CA GLU A 306 -9.96 14.17 13.70
C GLU A 306 -8.78 14.72 12.92
N SER A 307 -7.81 13.88 12.53
CA SER A 307 -6.67 14.36 11.75
C SER A 307 -6.98 14.37 10.26
N GLY A 308 -6.17 15.11 9.50
CA GLY A 308 -6.27 15.12 8.05
C GLY A 308 -5.61 13.89 7.45
N TYR A 309 -5.74 13.76 6.12
CA TYR A 309 -5.30 12.55 5.42
C TYR A 309 -3.81 12.29 5.59
N SER A 310 -2.99 13.34 5.72
CA SER A 310 -1.56 13.13 5.84
C SER A 310 -1.17 12.27 7.04
N ALA A 311 -2.04 12.13 8.04
CA ALA A 311 -1.76 11.26 9.18
C ALA A 311 -1.54 9.81 8.77
N LEU A 312 -1.99 9.42 7.57
CA LEU A 312 -1.74 8.06 7.11
C LEU A 312 -0.26 7.73 6.97
N VAL A 313 0.61 8.74 6.86
CA VAL A 313 2.03 8.44 6.79
C VAL A 313 2.50 7.68 8.03
N GLU A 314 1.85 7.88 9.18
CA GLU A 314 2.37 7.26 10.40
C GLU A 314 2.31 5.75 10.34
N GLN A 315 1.21 5.20 9.84
CA GLN A 315 1.20 3.75 9.70
C GLN A 315 2.00 3.26 8.51
N PHE A 316 2.22 4.08 7.48
CA PHE A 316 3.10 3.65 6.38
C PHE A 316 4.54 3.49 6.85
N ARG A 317 4.94 4.22 7.90
CA ARG A 317 6.32 4.15 8.39
C ARG A 317 6.58 2.93 9.26
N LYS A 318 5.55 2.26 9.74
CA LYS A 318 5.69 1.17 10.71
C LYS A 318 5.46 -0.15 9.99
N ALA A 319 6.46 -1.01 10.03
CA ALA A 319 6.28 -2.38 9.56
C ALA A 319 5.14 -3.05 10.30
N GLY B 31 -32.01 39.05 -15.89
CA GLY B 31 -30.88 39.21 -14.99
C GLY B 31 -30.56 37.93 -14.25
N PRO B 32 -29.52 37.97 -13.40
CA PRO B 32 -29.12 36.75 -12.69
C PRO B 32 -30.24 36.19 -11.83
N ALA B 33 -30.29 34.87 -11.76
CA ALA B 33 -31.31 34.19 -10.99
C ALA B 33 -31.10 34.43 -9.49
N ALA B 34 -32.20 34.58 -8.78
CA ALA B 34 -32.14 34.55 -7.33
C ALA B 34 -31.83 33.12 -6.88
N VAL B 35 -31.00 33.01 -5.85
CA VAL B 35 -30.59 31.72 -5.31
C VAL B 35 -30.63 31.72 -3.79
N THR B 36 -30.85 30.54 -3.23
CA THR B 36 -30.79 30.29 -1.80
C THR B 36 -29.73 29.23 -1.56
N VAL B 37 -28.92 29.43 -0.53
CA VAL B 37 -27.93 28.45 -0.10
C VAL B 37 -28.30 28.02 1.30
N LEU B 38 -28.58 26.73 1.49
CA LEU B 38 -28.82 26.16 2.82
C LEU B 38 -27.56 25.45 3.30
N GLY B 39 -26.99 25.95 4.40
CA GLY B 39 -25.78 25.39 4.95
C GLY B 39 -24.58 26.26 4.71
N LEU B 40 -23.97 26.78 5.78
CA LEU B 40 -22.86 27.73 5.70
C LEU B 40 -21.65 27.24 6.45
N GLY B 41 -21.33 25.96 6.32
CA GLY B 41 -20.00 25.50 6.65
C GLY B 41 -18.98 26.11 5.67
N ARG B 42 -17.74 25.61 5.76
CA ARG B 42 -16.69 26.18 4.92
C ARG B 42 -17.06 26.12 3.43
N MET B 43 -17.55 24.96 2.98
CA MET B 43 -18.00 24.83 1.59
C MET B 43 -19.19 25.73 1.31
N GLY B 44 -20.24 25.62 2.13
CA GLY B 44 -21.47 26.32 1.82
C GLY B 44 -21.26 27.82 1.79
N SER B 45 -20.43 28.33 2.71
CA SER B 45 -20.07 29.74 2.74
C SER B 45 -19.38 30.15 1.44
N ALA B 46 -18.48 29.30 0.95
CA ALA B 46 -17.79 29.61 -0.32
C ALA B 46 -18.78 29.65 -1.49
N LEU B 47 -19.75 28.74 -1.52
CA LEU B 47 -20.77 28.78 -2.56
C LEU B 47 -21.55 30.08 -2.51
N ALA B 48 -22.05 30.43 -1.33
CA ALA B 48 -22.85 31.64 -1.20
C ALA B 48 -22.02 32.88 -1.56
N ALA B 49 -20.75 32.90 -1.14
CA ALA B 49 -19.89 34.04 -1.48
C ALA B 49 -19.77 34.20 -2.99
N ALA B 50 -19.62 33.08 -3.70
CA ALA B 50 -19.49 33.15 -5.15
C ALA B 50 -20.75 33.67 -5.80
N PHE B 51 -21.91 33.16 -5.38
CA PHE B 51 -23.17 33.66 -5.92
C PHE B 51 -23.30 35.15 -5.69
N LEU B 52 -22.98 35.59 -4.48
CA LEU B 52 -23.15 37.00 -4.13
C LEU B 52 -22.19 37.88 -4.93
N ALA B 53 -20.93 37.45 -5.07
CA ALA B 53 -19.96 38.26 -5.81
C ALA B 53 -20.35 38.39 -7.29
N ALA B 54 -21.08 37.43 -7.83
CA ALA B 54 -21.52 37.43 -9.22
C ALA B 54 -22.82 38.22 -9.42
N GLY B 55 -23.36 38.81 -8.36
CA GLY B 55 -24.52 39.68 -8.47
C GLY B 55 -25.85 38.99 -8.35
N HIS B 56 -25.88 37.71 -7.95
CA HIS B 56 -27.14 37.06 -7.69
C HIS B 56 -27.72 37.55 -6.37
N SER B 57 -29.04 37.75 -6.35
CA SER B 57 -29.73 37.82 -5.06
C SER B 57 -29.47 36.51 -4.32
N THR B 58 -28.85 36.57 -3.17
CA THR B 58 -28.38 35.39 -2.46
C THR B 58 -28.99 35.38 -1.07
N THR B 59 -29.87 34.42 -0.81
CA THR B 59 -30.47 34.21 0.50
C THR B 59 -29.79 33.03 1.18
N VAL B 60 -29.40 33.19 2.44
CA VAL B 60 -28.66 32.15 3.13
C VAL B 60 -29.36 31.73 4.41
N TRP B 61 -29.14 30.47 4.79
CA TRP B 61 -29.60 29.95 6.07
C TRP B 61 -28.59 28.94 6.58
N ASN B 62 -28.36 28.95 7.89
CA ASN B 62 -27.50 27.97 8.56
C ASN B 62 -28.08 27.72 9.95
N ARG B 63 -27.87 26.50 10.46
CA ARG B 63 -28.34 26.20 11.82
C ARG B 63 -27.69 27.12 12.85
N THR B 64 -26.43 27.47 12.62
CA THR B 64 -25.72 28.42 13.46
C THR B 64 -25.72 29.78 12.77
N PRO B 65 -26.42 30.78 13.31
CA PRO B 65 -26.64 32.02 12.54
C PRO B 65 -25.40 32.85 12.31
N GLY B 66 -24.41 32.77 13.21
CA GLY B 66 -23.22 33.59 13.07
C GLY B 66 -22.46 33.38 11.78
N LYS B 67 -22.58 32.19 11.18
CA LYS B 67 -21.87 31.90 9.94
C LYS B 67 -22.35 32.80 8.81
N ALA B 68 -23.52 33.42 8.96
CA ALA B 68 -24.03 34.26 7.89
C ALA B 68 -23.59 35.72 8.03
N ASP B 69 -22.86 36.06 9.10
CA ASP B 69 -22.69 37.48 9.41
C ASP B 69 -21.99 38.22 8.28
N GLU B 70 -20.86 37.69 7.80
CA GLU B 70 -20.10 38.44 6.80
C GLU B 70 -20.83 38.50 5.46
N LEU B 71 -21.49 37.40 5.07
CA LEU B 71 -22.27 37.40 3.85
C LEU B 71 -23.42 38.42 3.93
N ALA B 72 -24.12 38.45 5.05
CA ALA B 72 -25.26 39.36 5.17
C ALA B 72 -24.80 40.80 5.13
N ALA B 73 -23.63 41.07 5.71
CA ALA B 73 -23.06 42.42 5.67
C ALA B 73 -22.75 42.86 4.25
N ARG B 74 -22.52 41.90 3.35
CA ARG B 74 -22.21 42.21 1.97
C ARG B 74 -23.41 42.10 1.03
N GLY B 75 -24.62 41.94 1.55
CA GLY B 75 -25.79 41.97 0.72
C GLY B 75 -26.59 40.69 0.69
N ALA B 76 -26.10 39.61 1.28
CA ALA B 76 -26.91 38.39 1.35
C ALA B 76 -28.09 38.60 2.29
N ARG B 77 -29.20 37.93 1.99
CA ARG B 77 -30.36 37.99 2.87
C ARG B 77 -30.21 36.87 3.89
N ARG B 78 -30.19 37.24 5.18
CA ARG B 78 -30.26 36.24 6.24
C ARG B 78 -31.71 35.79 6.40
N ALA B 79 -32.03 34.59 5.92
CA ALA B 79 -33.37 34.05 6.13
C ALA B 79 -33.60 33.74 7.61
N GLY B 80 -34.82 33.99 8.08
CA GLY B 80 -35.15 33.68 9.47
C GLY B 80 -35.41 32.21 9.72
N SER B 81 -35.69 31.45 8.67
CA SER B 81 -36.01 30.04 8.85
C SER B 81 -35.77 29.33 7.53
N VAL B 82 -35.71 28.00 7.60
CA VAL B 82 -35.59 27.20 6.37
C VAL B 82 -36.73 27.51 5.42
N ALA B 83 -37.96 27.63 5.96
CA ALA B 83 -39.10 27.89 5.09
C ALA B 83 -38.97 29.22 4.38
N GLU B 84 -38.53 30.26 5.08
CA GLU B 84 -38.33 31.56 4.42
C GLU B 84 -37.24 31.45 3.35
N ALA B 85 -36.13 30.79 3.69
CA ALA B 85 -35.03 30.60 2.74
C ALA B 85 -35.51 29.92 1.46
N VAL B 86 -36.23 28.81 1.59
CA VAL B 86 -36.72 28.10 0.41
C VAL B 86 -37.72 28.94 -0.41
N ALA B 87 -38.55 29.76 0.26
CA ALA B 87 -39.51 30.59 -0.45
C ALA B 87 -38.87 31.77 -1.16
N ALA B 88 -37.64 32.14 -0.79
CA ALA B 88 -37.02 33.34 -1.32
C ALA B 88 -36.58 33.19 -2.77
N ALA B 89 -36.33 31.96 -3.24
CA ALA B 89 -35.69 31.79 -4.55
C ALA B 89 -36.20 30.53 -5.21
N PRO B 90 -36.25 30.51 -6.54
CA PRO B 90 -36.65 29.28 -7.25
C PRO B 90 -35.55 28.23 -7.31
N LEU B 91 -34.31 28.62 -7.01
CA LEU B 91 -33.15 27.76 -7.06
C LEU B 91 -32.63 27.62 -5.64
N VAL B 92 -32.69 26.41 -5.09
CA VAL B 92 -32.31 26.15 -3.70
C VAL B 92 -31.13 25.21 -3.73
N VAL B 93 -29.97 25.69 -3.28
CA VAL B 93 -28.74 24.90 -3.22
C VAL B 93 -28.52 24.46 -1.78
N VAL B 94 -28.30 23.16 -1.56
CA VAL B 94 -28.08 22.62 -0.23
C VAL B 94 -26.67 22.05 -0.14
N CYS B 95 -25.96 22.39 0.91
CA CYS B 95 -24.60 21.88 1.08
C CYS B 95 -24.35 21.72 2.59
N VAL B 96 -24.66 20.54 3.10
CA VAL B 96 -24.52 20.26 4.52
C VAL B 96 -23.70 18.99 4.71
N ALA B 97 -23.65 18.46 5.92
CA ALA B 97 -22.65 17.43 6.22
C ALA B 97 -22.93 16.14 5.47
N ASP B 98 -24.18 15.70 5.43
CA ASP B 98 -24.53 14.40 4.85
C ASP B 98 -26.04 14.38 4.61
N ASP B 99 -26.52 13.26 4.06
CA ASP B 99 -27.92 13.20 3.67
C ASP B 99 -28.86 13.27 4.86
N GLU B 100 -28.44 12.70 6.00
CA GLU B 100 -29.21 12.84 7.24
C GLU B 100 -29.46 14.30 7.56
N ALA B 101 -28.42 15.13 7.45
CA ALA B 101 -28.58 16.57 7.71
C ALA B 101 -29.48 17.23 6.68
N VAL B 102 -29.38 16.83 5.40
CA VAL B 102 -30.28 17.34 4.38
C VAL B 102 -31.73 17.11 4.78
N HIS B 103 -32.03 15.91 5.26
CA HIS B 103 -33.44 15.63 5.52
C HIS B 103 -33.90 16.23 6.87
N GLN B 104 -33.00 16.40 7.83
CA GLN B 104 -33.37 17.14 9.03
C GLN B 104 -33.84 18.56 8.69
N LEU B 105 -33.19 19.21 7.72
CA LEU B 105 -33.60 20.56 7.31
C LEU B 105 -34.88 20.57 6.52
N LEU B 106 -35.03 19.66 5.55
CA LEU B 106 -36.06 19.78 4.54
C LEU B 106 -37.31 18.94 4.82
N ASP B 107 -37.21 17.83 5.55
CA ASP B 107 -38.40 17.00 5.77
C ASP B 107 -39.54 17.77 6.44
N PRO B 108 -39.30 18.70 7.39
CA PRO B 108 -40.42 19.43 8.01
C PRO B 108 -41.20 20.33 7.07
N LEU B 109 -40.72 20.60 5.86
CA LEU B 109 -41.41 21.54 5.00
C LEU B 109 -42.72 20.95 4.47
N ASP B 110 -43.67 21.84 4.14
CA ASP B 110 -45.00 21.40 3.74
C ASP B 110 -45.43 22.29 2.57
N GLY B 111 -45.27 21.78 1.35
CA GLY B 111 -45.56 22.55 0.16
C GLY B 111 -44.52 23.60 -0.19
N ALA B 112 -43.49 23.76 0.63
CA ALA B 112 -42.53 24.84 0.41
C ALA B 112 -41.78 24.68 -0.92
N LEU B 113 -41.44 23.44 -1.28
CA LEU B 113 -40.53 23.19 -2.39
C LEU B 113 -41.25 23.09 -3.74
N ALA B 114 -42.58 23.13 -3.77
CA ALA B 114 -43.31 22.94 -5.02
C ALA B 114 -42.92 23.99 -6.06
N GLY B 115 -42.58 23.52 -7.27
CA GLY B 115 -42.22 24.36 -8.39
C GLY B 115 -40.80 24.87 -8.38
N ARG B 116 -40.02 24.51 -7.37
CA ARG B 116 -38.64 24.96 -7.26
C ARG B 116 -37.68 23.90 -7.76
N THR B 117 -36.41 24.28 -7.83
CA THR B 117 -35.35 23.41 -8.31
C THR B 117 -34.36 23.27 -7.16
N LEU B 118 -34.21 22.05 -6.64
CA LEU B 118 -33.35 21.76 -5.52
C LEU B 118 -32.05 21.17 -6.02
N VAL B 119 -30.92 21.75 -5.62
CA VAL B 119 -29.59 21.29 -6.06
C VAL B 119 -28.83 20.81 -4.83
N ASN B 120 -28.59 19.50 -4.73
CA ASN B 120 -27.97 18.95 -3.53
C ASN B 120 -26.48 18.74 -3.75
N LEU B 121 -25.68 19.68 -3.22
CA LEU B 121 -24.23 19.57 -3.37
C LEU B 121 -23.60 18.84 -2.18
N THR B 122 -24.42 18.31 -1.27
CA THR B 122 -23.93 17.44 -0.21
C THR B 122 -23.35 16.16 -0.80
N THR B 123 -22.24 15.68 -0.22
CA THR B 123 -21.65 14.41 -0.65
C THR B 123 -22.51 13.25 -0.16
N GLY B 124 -22.77 12.28 -1.03
CA GLY B 124 -23.54 11.14 -0.58
C GLY B 124 -23.47 9.99 -1.56
N THR B 125 -24.38 9.04 -1.38
CA THR B 125 -24.36 7.83 -2.19
C THR B 125 -25.35 7.93 -3.33
N SER B 126 -25.20 7.03 -4.32
CA SER B 126 -26.20 6.98 -5.38
C SER B 126 -27.55 6.52 -4.85
N ALA B 127 -27.58 5.66 -3.82
CA ALA B 127 -28.85 5.32 -3.20
C ALA B 127 -29.53 6.55 -2.64
N GLN B 128 -28.77 7.39 -1.95
CA GLN B 128 -29.35 8.60 -1.39
C GLN B 128 -29.86 9.52 -2.49
N ALA B 129 -29.12 9.58 -3.61
CA ALA B 129 -29.52 10.42 -4.74
C ALA B 129 -30.79 9.90 -5.40
N ARG B 130 -30.90 8.58 -5.59
CA ARG B 130 -32.15 8.02 -6.13
C ARG B 130 -33.32 8.28 -5.19
N ALA B 131 -33.13 8.05 -3.88
CA ALA B 131 -34.21 8.33 -2.94
C ALA B 131 -34.57 9.81 -2.98
N ASN B 132 -33.58 10.69 -3.12
CA ASN B 132 -33.86 12.14 -3.10
C ASN B 132 -34.62 12.57 -4.35
N ALA B 133 -34.30 11.98 -5.51
CA ALA B 133 -35.06 12.31 -6.72
C ALA B 133 -36.54 11.99 -6.53
N ALA B 134 -36.85 10.83 -5.96
CA ALA B 134 -38.25 10.48 -5.70
C ALA B 134 -38.87 11.40 -4.65
N TRP B 135 -38.14 11.65 -3.57
CA TRP B 135 -38.62 12.50 -2.48
C TRP B 135 -38.96 13.89 -3.01
N ALA B 136 -38.10 14.43 -3.87
CA ALA B 136 -38.34 15.77 -4.41
C ALA B 136 -39.54 15.79 -5.35
N LYS B 137 -39.68 14.76 -6.19
CA LYS B 137 -40.81 14.74 -7.11
C LYS B 137 -42.14 14.64 -6.37
N GLU B 138 -42.17 13.89 -5.26
CA GLU B 138 -43.38 13.84 -4.43
C GLU B 138 -43.75 15.22 -3.93
N ARG B 139 -42.76 16.08 -3.77
CA ARG B 139 -42.98 17.45 -3.32
C ARG B 139 -43.04 18.45 -4.46
N GLY B 140 -43.11 17.98 -5.71
CA GLY B 140 -43.29 18.87 -6.84
C GLY B 140 -42.06 19.69 -7.20
N ALA B 141 -40.88 19.28 -6.74
CA ALA B 141 -39.64 20.00 -6.98
C ALA B 141 -38.78 19.23 -7.97
N ALA B 142 -38.09 19.97 -8.83
CA ALA B 142 -37.06 19.39 -9.69
C ALA B 142 -35.81 19.17 -8.84
N PHE B 143 -35.04 18.14 -9.16
CA PHE B 143 -33.93 17.79 -8.28
C PHE B 143 -32.69 17.50 -9.12
N LEU B 144 -31.62 18.24 -8.85
CA LEU B 144 -30.30 17.95 -9.40
C LEU B 144 -29.41 17.52 -8.25
N ASP B 145 -28.76 16.37 -8.40
CA ASP B 145 -27.68 16.01 -7.50
C ASP B 145 -26.39 16.58 -8.03
N GLY B 146 -25.53 16.98 -7.11
CA GLY B 146 -24.28 17.59 -7.47
C GLY B 146 -23.17 17.05 -6.61
N ALA B 147 -21.97 17.16 -7.15
CA ALA B 147 -20.75 16.69 -6.51
C ALA B 147 -19.72 17.81 -6.66
N ILE B 148 -19.16 18.27 -5.54
CA ILE B 148 -18.15 19.32 -5.60
C ILE B 148 -16.77 18.67 -5.58
N MET B 149 -16.06 18.74 -6.71
CA MET B 149 -14.76 18.12 -6.84
C MET B 149 -13.70 19.22 -6.65
N ALA B 150 -13.70 19.83 -5.47
CA ALA B 150 -12.86 21.01 -5.20
C ALA B 150 -12.86 21.21 -3.69
N VAL B 151 -11.83 21.90 -3.21
CA VAL B 151 -11.82 22.41 -1.85
C VAL B 151 -12.50 23.78 -1.84
N PRO B 152 -12.96 24.26 -0.67
CA PRO B 152 -13.68 25.55 -0.65
C PRO B 152 -12.91 26.71 -1.28
N GLU B 153 -11.60 26.78 -1.09
CA GLU B 153 -10.87 27.94 -1.62
C GLU B 153 -10.78 27.92 -3.13
N ASP B 154 -11.08 26.78 -3.77
CA ASP B 154 -11.07 26.71 -5.22
C ASP B 154 -12.42 26.95 -5.86
N ILE B 155 -13.50 27.08 -5.07
CA ILE B 155 -14.79 27.49 -5.62
C ILE B 155 -14.63 28.82 -6.35
N ALA B 156 -15.29 28.92 -7.50
CA ALA B 156 -15.29 30.07 -8.38
C ALA B 156 -13.94 30.32 -9.05
N THR B 157 -12.96 29.43 -8.90
CA THR B 157 -11.73 29.50 -9.68
C THR B 157 -11.82 28.58 -10.89
N GLY B 158 -10.83 28.72 -11.78
CA GLY B 158 -10.77 27.81 -12.92
C GLY B 158 -10.36 26.40 -12.55
N ASP B 159 -9.95 26.15 -11.31
CA ASP B 159 -9.62 24.80 -10.87
C ASP B 159 -10.83 24.02 -10.38
N ALA B 160 -11.93 24.71 -10.08
CA ALA B 160 -13.12 24.04 -9.53
C ALA B 160 -13.77 23.13 -10.56
N VAL B 161 -14.23 21.96 -10.09
CA VAL B 161 -15.01 21.04 -10.91
C VAL B 161 -16.28 20.74 -10.12
N LEU B 162 -17.45 20.95 -10.73
CA LEU B 162 -18.71 20.57 -10.10
C LEU B 162 -19.53 19.79 -11.09
N LEU B 163 -20.05 18.63 -10.67
CA LEU B 163 -20.71 17.68 -11.56
C LEU B 163 -22.17 17.54 -11.16
N TYR B 164 -23.07 17.48 -12.14
CA TYR B 164 -24.50 17.41 -11.87
C TYR B 164 -25.15 16.24 -12.57
N SER B 165 -26.18 15.66 -11.95
CA SER B 165 -27.04 14.74 -12.69
C SER B 165 -28.49 14.97 -12.29
N GLY B 166 -29.38 14.56 -13.17
CA GLY B 166 -30.78 14.89 -13.02
C GLY B 166 -31.31 15.52 -14.31
N PRO B 167 -32.55 16.01 -14.28
CA PRO B 167 -33.18 16.48 -15.52
C PRO B 167 -32.38 17.56 -16.22
N ARG B 168 -32.09 17.34 -17.50
CA ARG B 168 -31.31 18.32 -18.25
C ARG B 168 -32.03 19.66 -18.32
N ASP B 169 -33.36 19.67 -18.31
CA ASP B 169 -34.03 20.97 -18.47
C ASP B 169 -33.83 21.82 -17.22
N ALA B 170 -33.71 21.20 -16.06
CA ALA B 170 -33.46 21.98 -14.84
C ALA B 170 -32.02 22.50 -14.82
N PHE B 171 -31.07 21.70 -15.27
CA PHE B 171 -29.70 22.21 -15.40
C PHE B 171 -29.66 23.38 -16.38
N ASP B 172 -30.32 23.24 -17.53
CA ASP B 172 -30.33 24.32 -18.50
C ASP B 172 -30.91 25.60 -17.91
N ALA B 173 -31.99 25.48 -17.15
CA ALA B 173 -32.69 26.65 -16.62
C ALA B 173 -31.82 27.46 -15.67
N TYR B 174 -30.87 26.82 -15.01
CA TYR B 174 -30.03 27.51 -14.02
C TYR B 174 -28.54 27.37 -14.31
N GLU B 175 -28.17 26.99 -15.54
CA GLU B 175 -26.77 26.77 -15.88
C GLU B 175 -25.91 28.01 -15.59
N GLU B 176 -26.38 29.19 -16.01
CA GLU B 176 -25.55 30.38 -15.83
C GLU B 176 -25.28 30.64 -14.36
N ALA B 177 -26.30 30.44 -13.51
CA ALA B 177 -26.11 30.60 -12.07
C ALA B 177 -25.15 29.56 -11.52
N LEU B 178 -25.35 28.28 -11.85
CA LEU B 178 -24.48 27.23 -11.35
C LEU B 178 -23.04 27.43 -11.79
N ARG B 179 -22.83 27.92 -13.02
CA ARG B 179 -21.49 28.06 -13.53
C ARG B 179 -20.63 28.99 -12.69
N VAL B 180 -21.21 29.93 -11.94
CA VAL B 180 -20.32 30.80 -11.15
C VAL B 180 -19.53 30.00 -10.12
N LEU B 181 -20.03 28.83 -9.68
CA LEU B 181 -19.28 28.02 -8.72
C LEU B 181 -18.08 27.35 -9.37
N ALA B 182 -18.13 27.10 -10.67
CA ALA B 182 -17.04 26.42 -11.38
C ALA B 182 -17.01 26.92 -12.82
N PRO B 183 -16.47 28.11 -13.04
CA PRO B 183 -16.62 28.74 -14.36
C PRO B 183 -16.02 27.97 -15.50
N ALA B 184 -15.00 27.16 -15.23
CA ALA B 184 -14.35 26.35 -16.26
C ALA B 184 -14.46 24.87 -15.93
N GLY B 185 -15.46 24.50 -15.12
CA GLY B 185 -15.52 23.13 -14.66
C GLY B 185 -16.91 22.60 -14.36
N THR B 186 -17.95 23.20 -14.93
CA THR B 186 -19.33 22.78 -14.67
C THR B 186 -19.76 21.78 -15.74
N THR B 187 -20.21 20.59 -15.31
CA THR B 187 -20.57 19.54 -16.26
C THR B 187 -21.87 18.89 -15.83
N HIS B 188 -22.84 18.80 -16.74
CA HIS B 188 -24.02 17.95 -16.53
C HIS B 188 -23.71 16.57 -17.08
N LEU B 189 -23.85 15.55 -16.24
CA LEU B 189 -23.40 14.20 -16.61
C LEU B 189 -24.45 13.39 -17.35
N GLY B 190 -25.71 13.72 -17.14
CA GLY B 190 -26.80 12.95 -17.70
C GLY B 190 -27.99 12.99 -16.77
N GLY B 191 -29.08 12.37 -17.24
CA GLY B 191 -30.34 12.40 -16.52
C GLY B 191 -30.49 11.40 -15.39
N ASP B 192 -29.64 10.37 -15.36
CA ASP B 192 -29.74 9.32 -14.35
C ASP B 192 -29.50 9.90 -12.95
N ALA B 193 -30.51 9.74 -12.08
CA ALA B 193 -30.49 10.36 -10.75
C ALA B 193 -29.21 10.08 -9.96
N GLY B 194 -28.64 8.90 -10.07
CA GLY B 194 -27.48 8.61 -9.22
C GLY B 194 -26.12 8.87 -9.82
N LEU B 195 -26.03 9.46 -11.01
CA LEU B 195 -24.78 9.47 -11.78
C LEU B 195 -23.73 10.37 -11.16
N ALA B 196 -24.12 11.52 -10.60
CA ALA B 196 -23.13 12.41 -9.99
C ALA B 196 -22.47 11.76 -8.80
N ALA B 197 -23.24 11.04 -7.98
CA ALA B 197 -22.69 10.39 -6.80
C ALA B 197 -21.68 9.33 -7.20
N LEU B 198 -21.99 8.55 -8.24
CA LEU B 198 -21.05 7.55 -8.72
C LEU B 198 -19.76 8.19 -9.21
N HIS B 199 -19.88 9.30 -9.97
CA HIS B 199 -18.67 10.00 -10.41
C HIS B 199 -17.88 10.56 -9.24
N ASP B 200 -18.57 11.18 -8.26
CA ASP B 200 -17.90 11.72 -7.07
C ASP B 200 -17.02 10.66 -6.40
N LEU B 201 -17.60 9.51 -6.07
CA LEU B 201 -16.86 8.48 -5.36
C LEU B 201 -15.77 7.86 -6.23
N ALA B 202 -16.00 7.72 -7.54
CA ALA B 202 -14.95 7.20 -8.40
C ALA B 202 -13.76 8.15 -8.43
N LEU B 203 -14.02 9.45 -8.46
CA LEU B 203 -12.92 10.39 -8.52
C LEU B 203 -12.20 10.50 -7.18
N LEU B 204 -12.93 10.39 -6.08
CA LEU B 204 -12.30 10.29 -4.78
C LEU B 204 -11.38 9.08 -4.71
N GLY B 205 -11.80 7.97 -5.33
CA GLY B 205 -10.91 6.81 -5.44
C GLY B 205 -9.55 7.16 -6.00
N ILE B 206 -9.54 7.99 -7.06
CA ILE B 206 -8.27 8.43 -7.64
C ILE B 206 -7.49 9.25 -6.63
N MET B 207 -8.15 10.22 -6.00
CA MET B 207 -7.49 11.01 -4.96
C MET B 207 -6.80 10.14 -3.91
N TRP B 208 -7.53 9.17 -3.37
CA TRP B 208 -6.98 8.36 -2.28
C TRP B 208 -5.82 7.51 -2.77
N GLY B 209 -5.92 6.97 -3.98
CA GLY B 209 -4.81 6.18 -4.51
C GLY B 209 -3.55 7.00 -4.70
N VAL B 210 -3.71 8.23 -5.17
CA VAL B 210 -2.57 9.12 -5.35
C VAL B 210 -1.98 9.51 -4.00
N LEU B 211 -2.83 9.93 -3.06
CA LEU B 211 -2.26 10.36 -1.78
C LEU B 211 -1.60 9.19 -1.06
N ASN B 212 -2.17 7.98 -1.18
CA ASN B 212 -1.53 6.82 -0.57
C ASN B 212 -0.17 6.56 -1.19
N GLY B 213 -0.09 6.62 -2.52
CA GLY B 213 1.21 6.48 -3.17
C GLY B 213 2.22 7.52 -2.68
N PHE B 214 1.77 8.77 -2.52
CA PHE B 214 2.69 9.81 -2.05
C PHE B 214 3.14 9.54 -0.62
N LEU B 215 2.18 9.25 0.28
CA LEU B 215 2.52 9.07 1.68
C LEU B 215 3.35 7.83 1.90
N HIS B 216 3.04 6.75 1.18
CA HIS B 216 3.88 5.56 1.31
C HIS B 216 5.27 5.82 0.73
N GLY B 217 5.34 6.48 -0.44
CA GLY B 217 6.66 6.81 -0.98
C GLY B 217 7.45 7.73 -0.07
N ALA B 218 6.76 8.65 0.61
CA ALA B 218 7.44 9.54 1.54
C ALA B 218 7.99 8.76 2.73
N ALA B 219 7.21 7.79 3.22
CA ALA B 219 7.72 6.93 4.29
C ALA B 219 8.93 6.13 3.83
N LEU B 220 8.85 5.54 2.62
CA LEU B 220 9.95 4.77 2.07
C LEU B 220 11.20 5.63 1.93
N LEU B 221 11.06 6.77 1.26
CA LEU B 221 12.24 7.62 0.97
C LEU B 221 12.75 8.31 2.24
N GLY B 222 11.87 8.54 3.21
CA GLY B 222 12.30 9.08 4.49
C GLY B 222 13.37 8.22 5.16
N THR B 223 13.32 6.90 4.95
CA THR B 223 14.39 6.05 5.48
C THR B 223 15.76 6.39 4.92
N ALA B 224 15.84 6.98 3.72
CA ALA B 224 17.11 7.33 3.12
C ALA B 224 17.42 8.81 3.31
N GLY B 225 16.73 9.48 4.21
CA GLY B 225 16.99 10.86 4.51
C GLY B 225 16.26 11.86 3.66
N VAL B 226 15.27 11.43 2.87
CA VAL B 226 14.58 12.30 1.93
C VAL B 226 13.37 12.90 2.63
N ARG B 227 13.33 14.24 2.72
CA ARG B 227 12.20 14.93 3.34
C ARG B 227 11.02 14.88 2.38
N ALA B 228 9.81 14.85 2.94
CA ALA B 228 8.62 14.85 2.08
C ALA B 228 8.61 16.06 1.16
N GLY B 229 9.07 17.21 1.67
CA GLY B 229 9.15 18.40 0.84
C GLY B 229 10.18 18.30 -0.28
N ASP B 230 11.19 17.44 -0.11
CA ASP B 230 12.12 17.20 -1.20
C ASP B 230 11.50 16.30 -2.26
N PHE B 231 10.68 15.32 -1.84
CA PHE B 231 10.04 14.36 -2.75
C PHE B 231 8.84 14.97 -3.47
N ALA B 232 8.14 15.91 -2.84
CA ALA B 232 6.86 16.37 -3.37
C ALA B 232 6.94 17.00 -4.76
N PRO B 233 7.93 17.85 -5.11
CA PRO B 233 7.97 18.35 -6.49
C PRO B 233 8.04 17.22 -7.52
N LEU B 234 8.86 16.19 -7.29
CA LEU B 234 8.90 15.06 -8.22
C LEU B 234 7.59 14.31 -8.22
N ALA B 235 7.05 14.05 -7.03
CA ALA B 235 5.80 13.28 -6.93
C ALA B 235 4.67 14.00 -7.63
N ALA B 236 4.55 15.32 -7.42
CA ALA B 236 3.49 16.08 -8.08
C ALA B 236 3.68 16.13 -9.59
N ARG B 237 4.92 16.35 -10.04
CA ARG B 237 5.18 16.34 -11.48
C ARG B 237 4.82 14.99 -12.08
N MET B 238 5.23 13.89 -11.43
CA MET B 238 4.93 12.58 -11.97
C MET B 238 3.43 12.30 -11.96
N THR B 239 2.72 12.82 -10.95
CA THR B 239 1.25 12.66 -10.95
C THR B 239 0.65 13.33 -12.18
N THR B 240 1.13 14.53 -12.52
CA THR B 240 0.61 15.19 -13.71
C THR B 240 0.96 14.43 -14.99
N VAL B 241 2.12 13.79 -15.03
CA VAL B 241 2.42 12.97 -16.21
C VAL B 241 1.46 11.79 -16.31
N VAL B 242 1.19 11.11 -15.19
CA VAL B 242 0.34 9.93 -15.22
C VAL B 242 -1.07 10.30 -15.62
N ALA B 243 -1.47 11.56 -15.43
CA ALA B 243 -2.78 11.97 -15.91
C ALA B 243 -2.89 11.76 -17.42
N GLY B 244 -1.80 12.02 -18.14
CA GLY B 244 -1.77 11.72 -19.56
C GLY B 244 -1.84 10.24 -19.87
N TYR B 245 -1.29 9.40 -18.99
CA TYR B 245 -1.40 7.95 -19.18
C TYR B 245 -2.85 7.50 -19.03
N VAL B 246 -3.62 8.18 -18.17
CA VAL B 246 -5.05 7.88 -18.05
C VAL B 246 -5.74 8.11 -19.38
N THR B 247 -5.47 9.26 -20.00
CA THR B 247 -6.06 9.56 -21.31
C THR B 247 -5.71 8.49 -22.33
N ALA B 248 -4.46 8.03 -22.31
CA ALA B 248 -4.05 6.99 -23.26
C ALA B 248 -4.68 5.64 -22.96
N ALA B 249 -4.98 5.36 -21.71
CA ALA B 249 -5.51 4.04 -21.35
C ALA B 249 -6.96 3.89 -21.77
N ALA B 250 -7.69 5.00 -21.87
CA ALA B 250 -9.15 4.91 -22.01
C ALA B 250 -9.55 4.19 -23.30
N PRO B 251 -8.97 4.47 -24.47
CA PRO B 251 -9.35 3.69 -25.68
C PRO B 251 -9.08 2.20 -25.54
N GLU B 252 -8.02 1.81 -24.82
CA GLU B 252 -7.79 0.40 -24.58
C GLU B 252 -8.92 -0.22 -23.78
N VAL B 253 -9.35 0.48 -22.73
CA VAL B 253 -10.48 -0.01 -21.94
C VAL B 253 -11.71 -0.15 -22.81
N ASP B 254 -12.02 0.88 -23.62
CA ASP B 254 -13.26 0.84 -24.39
C ASP B 254 -13.21 -0.21 -25.50
N ALA B 255 -12.02 -0.52 -26.01
CA ALA B 255 -11.90 -1.53 -27.05
C ALA B 255 -11.73 -2.94 -26.49
N GLY B 256 -11.46 -3.07 -25.21
CA GLY B 256 -11.19 -4.38 -24.64
C GLY B 256 -9.93 -5.00 -25.20
N SER B 257 -8.96 -4.17 -25.60
CA SER B 257 -7.68 -4.61 -26.15
C SER B 257 -6.56 -3.91 -25.40
N TYR B 258 -5.64 -4.68 -24.86
CA TYR B 258 -4.68 -4.16 -23.88
C TYR B 258 -3.24 -4.38 -24.33
N PRO B 259 -2.77 -3.61 -25.30
CA PRO B 259 -1.37 -3.70 -25.73
C PRO B 259 -0.44 -3.43 -24.58
N ALA B 260 0.72 -4.11 -24.61
CA ALA B 260 1.71 -3.96 -23.54
C ALA B 260 2.32 -2.57 -23.50
N GLY B 261 2.40 -1.88 -24.63
CA GLY B 261 3.19 -0.66 -24.64
C GLY B 261 4.61 -0.95 -24.19
N ASP B 262 5.10 -0.18 -23.22
CA ASP B 262 6.45 -0.33 -22.72
C ASP B 262 6.53 -1.13 -21.42
N ALA B 263 5.42 -1.76 -20.98
CA ALA B 263 5.47 -2.53 -19.74
C ALA B 263 4.34 -3.53 -19.73
N THR B 264 4.68 -4.81 -19.85
CA THR B 264 3.68 -5.85 -19.62
C THR B 264 3.30 -5.90 -18.15
N LEU B 265 2.18 -6.56 -17.86
CA LEU B 265 1.79 -6.79 -16.47
C LEU B 265 2.82 -7.65 -15.74
N THR B 266 3.57 -8.50 -16.47
CA THR B 266 4.67 -9.21 -15.83
C THR B 266 5.68 -8.21 -15.26
N VAL B 267 6.05 -7.21 -16.06
CA VAL B 267 7.02 -6.19 -15.64
C VAL B 267 6.46 -5.35 -14.50
N HIS B 268 5.19 -4.93 -14.60
CA HIS B 268 4.56 -4.21 -13.49
C HIS B 268 4.58 -5.03 -12.20
N GLN B 269 4.17 -6.31 -12.27
CA GLN B 269 4.06 -7.09 -11.05
C GLN B 269 5.42 -7.26 -10.39
N GLU B 270 6.46 -7.42 -11.19
CA GLU B 270 7.81 -7.54 -10.64
C GLU B 270 8.25 -6.25 -9.95
N ALA B 271 7.96 -5.11 -10.57
CA ALA B 271 8.29 -3.83 -9.92
C ALA B 271 7.52 -3.67 -8.62
N MET B 272 6.23 -4.07 -8.59
CA MET B 272 5.54 -3.99 -7.30
C MET B 272 6.11 -4.95 -6.27
N ARG B 273 6.50 -6.15 -6.67
CA ARG B 273 7.19 -7.02 -5.73
C ARG B 273 8.45 -6.33 -5.20
N HIS B 274 9.17 -5.64 -6.07
CA HIS B 274 10.38 -4.94 -5.63
C HIS B 274 10.03 -3.82 -4.64
N LEU B 275 8.94 -3.09 -4.89
CA LEU B 275 8.51 -2.07 -3.94
C LEU B 275 8.17 -2.68 -2.58
N ALA B 276 7.51 -3.84 -2.57
CA ALA B 276 7.18 -4.50 -1.30
C ALA B 276 8.46 -4.97 -0.60
N GLU B 277 9.37 -5.58 -1.35
CA GLU B 277 10.59 -6.11 -0.76
C GLU B 277 11.43 -5.00 -0.18
N GLU B 278 11.51 -3.88 -0.89
CA GLU B 278 12.23 -2.72 -0.40
C GLU B 278 11.57 -2.14 0.84
N SER B 279 10.23 -2.08 0.86
CA SER B 279 9.54 -1.66 2.07
C SER B 279 9.91 -2.56 3.24
N GLU B 280 9.86 -3.88 3.04
CA GLU B 280 10.15 -4.81 4.13
C GLU B 280 11.59 -4.65 4.62
N ALA B 281 12.55 -4.56 3.69
CA ALA B 281 13.95 -4.45 4.08
C ALA B 281 14.25 -3.15 4.80
N LEU B 282 13.51 -2.08 4.50
CA LEU B 282 13.73 -0.81 5.17
C LEU B 282 12.83 -0.60 6.38
N GLY B 283 11.99 -1.58 6.73
CA GLY B 283 11.15 -1.45 7.91
C GLY B 283 9.98 -0.50 7.76
N VAL B 284 9.47 -0.31 6.55
CA VAL B 284 8.24 0.46 6.40
C VAL B 284 7.15 -0.50 5.95
N ASN B 285 5.90 -0.06 6.11
CA ASN B 285 4.78 -0.94 5.89
C ASN B 285 4.71 -1.41 4.44
N ALA B 286 4.46 -2.71 4.26
CA ALA B 286 4.44 -3.29 2.92
C ALA B 286 3.05 -3.74 2.46
N GLU B 287 2.01 -3.47 3.25
CA GLU B 287 0.67 -3.93 2.89
C GLU B 287 0.17 -3.32 1.58
N LEU B 288 0.44 -2.03 1.34
CA LEU B 288 0.01 -1.43 0.08
C LEU B 288 0.69 -2.07 -1.14
N PRO B 289 2.03 -2.14 -1.24
CA PRO B 289 2.61 -2.81 -2.42
C PRO B 289 2.21 -4.27 -2.52
N ARG B 290 2.02 -4.97 -1.39
CA ARG B 290 1.54 -6.36 -1.45
C ARG B 290 0.16 -6.41 -2.08
N PHE B 291 -0.72 -5.47 -1.69
CA PHE B 291 -2.04 -5.42 -2.30
C PHE B 291 -1.96 -5.14 -3.81
N LEU B 292 -1.09 -4.21 -4.21
CA LEU B 292 -0.94 -3.94 -5.64
C LEU B 292 -0.51 -5.19 -6.40
N GLN B 293 0.48 -5.91 -5.85
CA GLN B 293 0.98 -7.16 -6.42
C GLN B 293 -0.16 -8.16 -6.60
N LEU B 294 -0.99 -8.26 -5.56
CA LEU B 294 -2.10 -9.21 -5.57
C LEU B 294 -3.05 -8.93 -6.74
N LEU B 295 -3.43 -7.65 -6.94
CA LEU B 295 -4.29 -7.28 -8.05
C LEU B 295 -3.65 -7.58 -9.39
N ALA B 296 -2.38 -7.21 -9.56
CA ALA B 296 -1.70 -7.49 -10.83
C ALA B 296 -1.60 -8.99 -11.07
N GLY B 297 -1.29 -9.75 -10.01
CA GLY B 297 -1.15 -11.20 -10.16
C GLY B 297 -2.45 -11.85 -10.60
N ARG B 298 -3.57 -11.30 -10.16
CA ARG B 298 -4.85 -11.83 -10.61
C ARG B 298 -5.06 -11.62 -12.10
N ALA B 299 -4.66 -10.47 -12.62
CA ALA B 299 -4.76 -10.26 -14.07
C ALA B 299 -3.81 -11.19 -14.82
N VAL B 300 -2.59 -11.36 -14.31
CA VAL B 300 -1.63 -12.27 -14.94
C VAL B 300 -2.21 -13.68 -15.02
N ALA B 301 -2.79 -14.15 -13.93
CA ALA B 301 -3.34 -15.51 -13.90
C ALA B 301 -4.55 -15.69 -14.80
N GLU B 302 -5.26 -14.61 -15.12
CA GLU B 302 -6.33 -14.68 -16.12
C GLU B 302 -5.84 -14.52 -17.55
N GLY B 303 -4.54 -14.54 -17.78
CA GLY B 303 -4.00 -14.62 -19.11
C GLY B 303 -3.31 -13.36 -19.59
N HIS B 304 -3.11 -12.37 -18.72
CA HIS B 304 -2.61 -11.08 -19.17
C HIS B 304 -1.15 -10.84 -18.85
N ALA B 305 -0.35 -11.91 -18.75
CA ALA B 305 1.09 -11.73 -18.53
C ALA B 305 1.70 -10.74 -19.51
N GLU B 306 1.25 -10.76 -20.77
CA GLU B 306 1.86 -9.95 -21.81
C GLU B 306 1.00 -8.77 -22.22
N SER B 307 -0.08 -8.50 -21.47
CA SER B 307 -0.95 -7.35 -21.72
C SER B 307 -0.41 -6.13 -20.98
N GLY B 308 -0.87 -4.96 -21.41
CA GLY B 308 -0.59 -3.74 -20.68
C GLY B 308 -1.49 -3.54 -19.47
N TYR B 309 -1.18 -2.48 -18.72
CA TYR B 309 -1.83 -2.28 -17.42
C TYR B 309 -3.34 -2.18 -17.52
N SER B 310 -3.86 -1.64 -18.63
CA SER B 310 -5.30 -1.42 -18.76
C SER B 310 -6.09 -2.71 -18.61
N ALA B 311 -5.48 -3.88 -18.84
CA ALA B 311 -6.16 -5.15 -18.64
C ALA B 311 -6.69 -5.32 -17.22
N LEU B 312 -6.13 -4.60 -16.25
CA LEU B 312 -6.63 -4.69 -14.88
C LEU B 312 -8.11 -4.31 -14.77
N VAL B 313 -8.65 -3.59 -15.74
CA VAL B 313 -10.08 -3.26 -15.68
C VAL B 313 -10.91 -4.52 -15.60
N GLU B 314 -10.48 -5.62 -16.24
CA GLU B 314 -11.34 -6.81 -16.22
C GLU B 314 -11.49 -7.38 -14.82
N GLN B 315 -10.46 -7.32 -14.00
CA GLN B 315 -10.66 -7.86 -12.68
C GLN B 315 -11.39 -6.87 -11.78
N PHE B 316 -11.35 -5.58 -12.08
CA PHE B 316 -12.22 -4.67 -11.33
C PHE B 316 -13.69 -4.87 -11.67
N ARG B 317 -14.01 -5.44 -12.82
CA ARG B 317 -15.41 -5.65 -13.16
C ARG B 317 -16.02 -6.86 -12.48
N LYS B 318 -15.24 -7.70 -11.80
CA LYS B 318 -15.89 -8.86 -11.15
C LYS B 318 -15.87 -8.89 -9.60
N GLY C 31 33.99 -10.46 24.87
CA GLY C 31 33.03 -9.65 24.15
C GLY C 31 31.94 -10.51 23.54
N PRO C 32 31.04 -9.90 22.76
CA PRO C 32 29.94 -10.68 22.16
C PRO C 32 30.45 -11.74 21.22
N ALA C 33 29.80 -12.90 21.25
CA ALA C 33 30.16 -14.00 20.38
C ALA C 33 29.84 -13.62 18.93
N ALA C 34 30.64 -14.13 18.01
CA ALA C 34 30.32 -14.02 16.59
C ALA C 34 29.16 -14.95 16.25
N VAL C 35 28.31 -14.49 15.33
CA VAL C 35 27.07 -15.20 14.98
C VAL C 35 26.94 -15.17 13.47
N THR C 36 26.43 -16.26 12.91
CA THR C 36 26.02 -16.31 11.50
C THR C 36 24.52 -16.54 11.41
N VAL C 37 23.84 -15.77 10.57
CA VAL C 37 22.41 -15.96 10.33
C VAL C 37 22.27 -16.40 8.89
N LEU C 38 21.65 -17.57 8.68
CA LEU C 38 21.32 -18.04 7.34
C LEU C 38 19.82 -17.86 7.10
N GLY C 39 19.49 -17.05 6.08
CA GLY C 39 18.11 -16.76 5.74
C GLY C 39 17.74 -15.35 6.08
N LEU C 40 17.50 -14.51 5.08
CA LEU C 40 17.20 -13.10 5.30
C LEU C 40 15.81 -12.73 4.80
N GLY C 41 14.81 -13.56 5.08
CA GLY C 41 13.45 -13.08 4.99
C GLY C 41 13.18 -12.04 6.07
N ARG C 42 11.89 -11.69 6.21
CA ARG C 42 11.50 -10.73 7.24
C ARG C 42 11.97 -11.17 8.63
N MET C 43 11.77 -12.45 8.95
CA MET C 43 12.20 -12.96 10.26
C MET C 43 13.71 -12.98 10.40
N GLY C 44 14.38 -13.64 9.45
CA GLY C 44 15.83 -13.78 9.55
C GLY C 44 16.53 -12.44 9.61
N SER C 45 16.03 -11.48 8.82
CA SER C 45 16.63 -10.14 8.84
C SER C 45 16.45 -9.49 10.20
N ALA C 46 15.28 -9.70 10.83
CA ALA C 46 15.06 -9.15 12.16
C ALA C 46 16.00 -9.79 13.17
N LEU C 47 16.24 -11.09 13.05
CA LEU C 47 17.21 -11.74 13.93
C LEU C 47 18.60 -11.13 13.77
N ALA C 48 19.06 -11.00 12.52
CA ALA C 48 20.38 -10.43 12.27
C ALA C 48 20.47 -9.00 12.82
N ALA C 49 19.42 -8.20 12.61
CA ALA C 49 19.44 -6.82 13.09
C ALA C 49 19.52 -6.77 14.61
N ALA C 50 18.87 -7.72 15.28
CA ALA C 50 18.93 -7.75 16.74
C ALA C 50 20.32 -8.14 17.22
N PHE C 51 20.93 -9.13 16.60
CA PHE C 51 22.29 -9.49 16.99
C PHE C 51 23.23 -8.29 16.79
N LEU C 52 23.06 -7.59 15.67
CA LEU C 52 23.97 -6.47 15.38
C LEU C 52 23.78 -5.35 16.39
N ALA C 53 22.52 -5.10 16.78
CA ALA C 53 22.21 -4.02 17.70
C ALA C 53 22.78 -4.28 19.08
N ALA C 54 22.97 -5.55 19.44
CA ALA C 54 23.63 -5.90 20.69
C ALA C 54 25.15 -6.01 20.54
N GLY C 55 25.70 -5.73 19.36
CA GLY C 55 27.14 -5.67 19.18
C GLY C 55 27.78 -6.93 18.63
N HIS C 56 27.02 -8.01 18.48
CA HIS C 56 27.63 -9.21 17.94
C HIS C 56 28.09 -8.99 16.50
N SER C 57 29.29 -9.51 16.18
CA SER C 57 29.75 -9.54 14.78
C SER C 57 28.92 -10.57 14.06
N THR C 58 28.14 -10.14 13.07
CA THR C 58 27.08 -10.98 12.52
C THR C 58 27.33 -11.14 11.03
N THR C 59 27.51 -12.39 10.60
CA THR C 59 27.65 -12.71 9.19
C THR C 59 26.31 -13.19 8.64
N VAL C 60 25.91 -12.68 7.48
CA VAL C 60 24.60 -12.98 6.94
C VAL C 60 24.70 -13.56 5.53
N TRP C 61 23.78 -14.44 5.20
CA TRP C 61 23.73 -15.02 3.88
C TRP C 61 22.28 -15.40 3.56
N ASN C 62 21.90 -15.26 2.30
CA ASN C 62 20.56 -15.60 1.86
C ASN C 62 20.66 -16.25 0.49
N ARG C 63 19.69 -17.11 0.15
CA ARG C 63 19.80 -17.85 -1.11
C ARG C 63 19.63 -16.93 -2.31
N THR C 64 18.86 -15.87 -2.18
CA THR C 64 18.80 -14.91 -3.27
C THR C 64 19.55 -13.64 -2.86
N PRO C 65 20.23 -12.98 -3.81
CA PRO C 65 21.05 -11.82 -3.45
C PRO C 65 20.19 -10.58 -3.21
N GLY C 66 20.83 -9.56 -2.63
CA GLY C 66 20.22 -8.25 -2.50
C GLY C 66 19.43 -7.96 -1.24
N LYS C 67 19.47 -8.81 -0.23
CA LYS C 67 18.67 -8.59 0.98
C LYS C 67 19.47 -8.00 2.13
N ALA C 68 20.76 -7.69 1.94
CA ALA C 68 21.64 -7.42 3.07
C ALA C 68 22.16 -5.99 3.12
N ASP C 69 21.63 -5.08 2.28
CA ASP C 69 22.21 -3.74 2.17
C ASP C 69 22.08 -2.98 3.49
N GLU C 70 20.87 -2.99 4.06
CA GLU C 70 20.65 -2.30 5.32
C GLU C 70 21.39 -3.00 6.46
N LEU C 71 21.41 -4.34 6.47
CA LEU C 71 22.19 -5.04 7.48
C LEU C 71 23.69 -4.70 7.38
N ALA C 72 24.20 -4.53 6.15
CA ALA C 72 25.61 -4.18 5.99
C ALA C 72 25.89 -2.78 6.54
N ALA C 73 24.98 -1.84 6.32
CA ALA C 73 25.14 -0.52 6.92
C ALA C 73 25.16 -0.59 8.45
N ARG C 74 24.39 -1.52 9.04
CA ARG C 74 24.40 -1.75 10.47
C ARG C 74 25.58 -2.57 10.95
N GLY C 75 26.45 -3.00 10.04
CA GLY C 75 27.69 -3.66 10.42
C GLY C 75 27.80 -5.13 10.02
N ALA C 76 26.81 -5.69 9.34
CA ALA C 76 26.85 -7.12 9.01
C ALA C 76 27.94 -7.42 7.98
N ARG C 77 28.50 -8.62 8.11
CA ARG C 77 29.42 -9.19 7.14
C ARG C 77 28.61 -9.94 6.10
N ARG C 78 28.81 -9.63 4.83
CA ARG C 78 28.07 -10.28 3.76
C ARG C 78 28.87 -11.47 3.24
N ALA C 79 28.44 -12.67 3.60
CA ALA C 79 29.13 -13.86 3.14
C ALA C 79 28.85 -14.09 1.67
N GLY C 80 29.84 -14.65 0.97
CA GLY C 80 29.67 -14.91 -0.44
C GLY C 80 29.13 -16.28 -0.78
N SER C 81 28.90 -17.14 0.22
CA SER C 81 28.45 -18.52 0.03
C SER C 81 28.09 -19.07 1.39
N VAL C 82 27.30 -20.17 1.38
CA VAL C 82 26.95 -20.86 2.63
C VAL C 82 28.19 -21.32 3.37
N ALA C 83 29.14 -21.93 2.65
CA ALA C 83 30.33 -22.44 3.30
C ALA C 83 31.12 -21.32 4.00
N GLU C 84 31.23 -20.15 3.36
CA GLU C 84 31.90 -19.03 4.02
C GLU C 84 31.10 -18.55 5.23
N ALA C 85 29.77 -18.51 5.10
CA ALA C 85 28.94 -18.04 6.21
C ALA C 85 29.10 -18.96 7.42
N VAL C 86 29.04 -20.28 7.20
CA VAL C 86 29.16 -21.20 8.32
C VAL C 86 30.55 -21.11 8.94
N ALA C 87 31.59 -20.90 8.12
CA ALA C 87 32.95 -20.79 8.64
C ALA C 87 33.19 -19.51 9.43
N ALA C 88 32.28 -18.54 9.31
CA ALA C 88 32.48 -17.22 9.88
C ALA C 88 32.17 -17.13 11.37
N ALA C 89 31.51 -18.12 11.97
CA ALA C 89 31.10 -17.97 13.37
C ALA C 89 30.89 -19.34 14.00
N PRO C 90 31.12 -19.46 15.30
CA PRO C 90 30.83 -20.74 15.98
C PRO C 90 29.36 -20.99 16.24
N LEU C 91 28.52 -19.96 16.22
CA LEU C 91 27.08 -20.07 16.45
C LEU C 91 26.40 -19.79 15.11
N VAL C 92 25.65 -20.76 14.60
CA VAL C 92 25.03 -20.67 13.28
C VAL C 92 23.53 -20.76 13.47
N VAL C 93 22.84 -19.64 13.22
CA VAL C 93 21.40 -19.54 13.39
C VAL C 93 20.77 -19.65 12.03
N VAL C 94 19.82 -20.58 11.87
CA VAL C 94 19.22 -20.84 10.57
C VAL C 94 17.74 -20.48 10.63
N CYS C 95 17.28 -19.72 9.66
CA CYS C 95 15.89 -19.30 9.64
C CYS C 95 15.47 -19.18 8.17
N VAL C 96 15.10 -20.33 7.59
CA VAL C 96 14.74 -20.37 6.17
C VAL C 96 13.31 -20.90 6.03
N ALA C 97 12.93 -21.28 4.81
CA ALA C 97 11.52 -21.54 4.53
C ALA C 97 11.02 -22.81 5.21
N ASP C 98 11.79 -23.89 5.19
CA ASP C 98 11.32 -25.16 5.74
C ASP C 98 12.50 -26.10 5.89
N ASP C 99 12.23 -27.29 6.42
CA ASP C 99 13.31 -28.23 6.70
C ASP C 99 14.05 -28.68 5.45
N GLU C 100 13.38 -28.78 4.31
CA GLU C 100 14.15 -29.19 3.15
C GLU C 100 15.09 -28.09 2.69
N ALA C 101 14.67 -26.82 2.84
CA ALA C 101 15.58 -25.71 2.56
C ALA C 101 16.78 -25.74 3.50
N VAL C 102 16.58 -26.13 4.77
CA VAL C 102 17.70 -26.24 5.69
C VAL C 102 18.74 -27.22 5.16
N HIS C 103 18.27 -28.39 4.74
CA HIS C 103 19.19 -29.41 4.27
C HIS C 103 19.72 -29.10 2.87
N GLN C 104 18.94 -28.42 2.04
CA GLN C 104 19.47 -27.95 0.76
C GLN C 104 20.70 -27.06 0.96
N LEU C 105 20.74 -26.29 2.05
CA LEU C 105 21.88 -25.41 2.30
C LEU C 105 23.02 -26.13 3.00
N LEU C 106 22.70 -27.00 3.96
CA LEU C 106 23.74 -27.53 4.81
C LEU C 106 24.26 -28.90 4.39
N ASP C 107 23.43 -29.73 3.76
CA ASP C 107 23.90 -31.07 3.40
C ASP C 107 25.19 -31.06 2.58
N PRO C 108 25.39 -30.17 1.61
CA PRO C 108 26.64 -30.22 0.83
C PRO C 108 27.89 -29.91 1.63
N LEU C 109 27.77 -29.39 2.85
CA LEU C 109 28.96 -29.08 3.63
C LEU C 109 29.71 -30.34 3.99
N ASP C 110 31.04 -30.26 3.95
CA ASP C 110 31.90 -31.41 4.25
C ASP C 110 32.84 -31.00 5.39
N GLY C 111 32.47 -31.37 6.61
CA GLY C 111 33.28 -31.06 7.76
C GLY C 111 33.13 -29.64 8.27
N ALA C 112 32.33 -28.81 7.58
CA ALA C 112 32.25 -27.39 7.94
C ALA C 112 31.60 -27.18 9.30
N LEU C 113 30.65 -28.02 9.70
CA LEU C 113 29.92 -27.78 10.95
C LEU C 113 30.61 -28.32 12.19
N ALA C 114 31.68 -29.12 12.06
CA ALA C 114 32.33 -29.69 13.24
C ALA C 114 32.74 -28.58 14.20
N GLY C 115 32.44 -28.79 15.49
CA GLY C 115 32.78 -27.83 16.52
C GLY C 115 31.85 -26.62 16.60
N ARG C 116 30.88 -26.50 15.71
CA ARG C 116 29.95 -25.37 15.74
C ARG C 116 28.66 -25.77 16.43
N THR C 117 27.86 -24.75 16.77
CA THR C 117 26.54 -24.95 17.37
C THR C 117 25.51 -24.44 16.37
N LEU C 118 24.60 -25.32 15.96
CA LEU C 118 23.57 -25.02 14.97
C LEU C 118 22.27 -24.81 15.72
N VAL C 119 21.60 -23.68 15.47
CA VAL C 119 20.33 -23.35 16.12
C VAL C 119 19.31 -23.16 15.02
N ASN C 120 18.34 -24.10 14.90
CA ASN C 120 17.43 -24.08 13.77
C ASN C 120 16.13 -23.40 14.20
N LEU C 121 15.97 -22.12 13.84
CA LEU C 121 14.73 -21.40 14.12
C LEU C 121 13.75 -21.52 12.95
N THR C 122 14.10 -22.29 11.92
CA THR C 122 13.12 -22.65 10.91
C THR C 122 11.99 -23.43 11.54
N THR C 123 10.75 -23.22 11.07
CA THR C 123 9.66 -24.06 11.52
C THR C 123 9.82 -25.48 10.98
N GLY C 124 9.47 -26.46 11.82
CA GLY C 124 9.46 -27.83 11.35
C GLY C 124 8.71 -28.71 12.33
N THR C 125 8.72 -30.01 12.05
CA THR C 125 8.04 -30.96 12.92
C THR C 125 8.96 -31.42 14.03
N SER C 126 8.34 -32.02 15.08
CA SER C 126 9.12 -32.64 16.14
C SER C 126 10.01 -33.74 15.61
N ALA C 127 9.49 -34.56 14.68
CA ALA C 127 10.33 -35.60 14.08
C ALA C 127 11.48 -34.99 13.31
N GLN C 128 11.25 -33.89 12.62
CA GLN C 128 12.34 -33.24 11.91
C GLN C 128 13.38 -32.69 12.88
N ALA C 129 12.93 -32.15 14.02
CA ALA C 129 13.89 -31.67 15.02
C ALA C 129 14.74 -32.80 15.55
N ARG C 130 14.14 -33.97 15.78
CA ARG C 130 14.93 -35.08 16.29
C ARG C 130 15.87 -35.63 15.23
N ALA C 131 15.43 -35.64 13.97
CA ALA C 131 16.29 -36.08 12.88
C ALA C 131 17.46 -35.10 12.72
N ASN C 132 17.18 -33.80 12.89
CA ASN C 132 18.21 -32.79 12.78
C ASN C 132 19.22 -32.89 13.90
N ALA C 133 18.75 -33.16 15.13
CA ALA C 133 19.69 -33.34 16.23
C ALA C 133 20.64 -34.50 15.95
N ALA C 134 20.12 -35.60 15.40
CA ALA C 134 20.97 -36.73 15.03
C ALA C 134 21.88 -36.40 13.85
N TRP C 135 21.32 -35.75 12.82
CA TRP C 135 22.09 -35.34 11.65
C TRP C 135 23.23 -34.40 12.04
N ALA C 136 22.99 -33.50 13.00
CA ALA C 136 24.04 -32.59 13.45
C ALA C 136 25.12 -33.34 14.22
N LYS C 137 24.71 -34.23 15.13
CA LYS C 137 25.67 -34.91 15.99
C LYS C 137 26.66 -35.72 15.16
N GLU C 138 26.17 -36.41 14.12
CA GLU C 138 27.08 -37.16 13.27
C GLU C 138 28.01 -36.25 12.46
N ARG C 139 27.70 -34.97 12.35
CA ARG C 139 28.60 -34.02 11.71
C ARG C 139 29.47 -33.28 12.73
N GLY C 140 29.41 -33.67 14.00
CA GLY C 140 30.23 -33.08 15.04
C GLY C 140 29.78 -31.72 15.52
N ALA C 141 28.52 -31.36 15.25
CA ALA C 141 27.97 -30.07 15.62
C ALA C 141 26.99 -30.23 16.76
N ALA C 142 26.97 -29.25 17.66
CA ALA C 142 25.90 -29.17 18.65
C ALA C 142 24.65 -28.58 17.98
N PHE C 143 23.49 -28.88 18.57
CA PHE C 143 22.22 -28.56 17.92
C PHE C 143 21.16 -28.19 18.94
N LEU C 144 20.48 -27.07 18.68
CA LEU C 144 19.24 -26.75 19.36
C LEU C 144 18.17 -26.52 18.31
N ASP C 145 16.97 -27.05 18.53
CA ASP C 145 15.83 -26.59 17.76
C ASP C 145 15.17 -25.42 18.48
N GLY C 146 14.62 -24.51 17.71
CA GLY C 146 13.93 -23.37 18.27
C GLY C 146 12.62 -23.11 17.53
N ALA C 147 11.71 -22.46 18.24
CA ALA C 147 10.46 -21.99 17.69
C ALA C 147 10.28 -20.53 18.05
N ILE C 148 10.04 -19.68 17.05
CA ILE C 148 9.84 -18.26 17.31
C ILE C 148 8.34 -18.00 17.49
N MET C 149 7.97 -17.60 18.70
CA MET C 149 6.61 -17.18 19.07
C MET C 149 6.56 -15.67 19.14
N ALA C 150 6.79 -15.09 17.98
CA ALA C 150 6.83 -13.66 17.83
C ALA C 150 6.73 -13.34 16.35
N VAL C 151 6.28 -12.13 16.05
CA VAL C 151 6.36 -11.60 14.70
C VAL C 151 7.71 -10.90 14.57
N PRO C 152 8.23 -10.68 13.35
CA PRO C 152 9.58 -10.11 13.24
C PRO C 152 9.74 -8.79 13.97
N GLU C 153 8.73 -7.92 13.93
CA GLU C 153 8.86 -6.61 14.56
C GLU C 153 9.00 -6.70 16.08
N ASP C 154 8.59 -7.82 16.67
CA ASP C 154 8.68 -8.00 18.11
C ASP C 154 10.01 -8.60 18.55
N ILE C 155 10.84 -9.06 17.62
CA ILE C 155 12.15 -9.59 17.97
C ILE C 155 12.91 -8.51 18.72
N ALA C 156 13.59 -8.91 19.80
CA ALA C 156 14.42 -8.06 20.65
C ALA C 156 13.59 -7.09 21.48
N THR C 157 12.27 -7.28 21.54
CA THR C 157 11.41 -6.53 22.45
C THR C 157 11.01 -7.43 23.60
N GLY C 158 10.38 -6.82 24.60
CA GLY C 158 9.89 -7.59 25.74
C GLY C 158 8.72 -8.51 25.43
N ASP C 159 8.11 -8.36 24.26
CA ASP C 159 7.01 -9.24 23.89
C ASP C 159 7.45 -10.52 23.18
N ALA C 160 8.70 -10.58 22.70
CA ALA C 160 9.18 -11.76 21.99
C ALA C 160 9.30 -12.94 22.93
N VAL C 161 8.91 -14.12 22.42
CA VAL C 161 9.10 -15.40 23.08
C VAL C 161 9.81 -16.31 22.09
N LEU C 162 10.96 -16.86 22.49
CA LEU C 162 11.64 -17.85 21.67
C LEU C 162 11.86 -19.08 22.53
N LEU C 163 11.52 -20.25 21.99
CA LEU C 163 11.61 -21.50 22.74
C LEU C 163 12.68 -22.39 22.11
N TYR C 164 13.51 -23.03 22.95
CA TYR C 164 14.58 -23.91 22.50
C TYR C 164 14.49 -25.30 23.13
N SER C 165 14.96 -26.30 22.41
CA SER C 165 15.00 -27.64 22.97
C SER C 165 16.17 -28.40 22.35
N GLY C 166 16.75 -29.32 23.14
CA GLY C 166 18.03 -29.93 22.81
C GLY C 166 18.96 -29.86 24.00
N PRO C 167 20.18 -30.40 23.86
CA PRO C 167 21.10 -30.47 25.00
C PRO C 167 21.31 -29.13 25.69
N ARG C 168 21.12 -29.15 27.01
CA ARG C 168 21.19 -27.94 27.84
C ARG C 168 22.53 -27.23 27.70
N ASP C 169 23.62 -27.98 27.54
CA ASP C 169 24.93 -27.33 27.61
C ASP C 169 25.19 -26.46 26.37
N ALA C 170 24.58 -26.78 25.23
CA ALA C 170 24.67 -25.87 24.09
C ALA C 170 23.87 -24.60 24.35
N PHE C 171 22.68 -24.73 24.93
CA PHE C 171 21.91 -23.56 25.35
C PHE C 171 22.71 -22.72 26.35
N ASP C 172 23.29 -23.36 27.37
CA ASP C 172 24.08 -22.60 28.33
C ASP C 172 25.25 -21.89 27.67
N ALA C 173 25.90 -22.56 26.71
CA ALA C 173 27.06 -21.95 26.05
C ALA C 173 26.71 -20.64 25.35
N TYR C 174 25.49 -20.52 24.82
CA TYR C 174 25.15 -19.38 23.97
C TYR C 174 23.94 -18.61 24.46
N GLU C 175 23.57 -18.81 25.74
CA GLU C 175 22.38 -18.20 26.33
C GLU C 175 22.39 -16.69 26.18
N GLU C 176 23.54 -16.05 26.49
CA GLU C 176 23.60 -14.60 26.43
C GLU C 176 23.37 -14.10 25.02
N ALA C 177 23.96 -14.78 24.03
CA ALA C 177 23.74 -14.38 22.65
C ALA C 177 22.29 -14.63 22.23
N LEU C 178 21.73 -15.79 22.56
CA LEU C 178 20.37 -16.10 22.11
C LEU C 178 19.36 -15.16 22.74
N ARG C 179 19.59 -14.79 23.99
CA ARG C 179 18.65 -13.95 24.74
C ARG C 179 18.41 -12.59 24.08
N VAL C 180 19.35 -12.10 23.28
CA VAL C 180 19.08 -10.80 22.66
C VAL C 180 17.86 -10.85 21.75
N LEU C 181 17.51 -12.03 21.23
CA LEU C 181 16.34 -12.14 20.38
C LEU C 181 15.04 -12.00 21.17
N ALA C 182 15.07 -12.35 22.44
CA ALA C 182 13.89 -12.24 23.33
C ALA C 182 14.37 -12.05 24.75
N PRO C 183 14.75 -10.82 25.12
CA PRO C 183 15.44 -10.63 26.41
C PRO C 183 14.59 -11.01 27.60
N ALA C 184 13.26 -10.96 27.46
CA ALA C 184 12.34 -11.32 28.54
C ALA C 184 11.49 -12.54 28.18
N GLY C 185 11.94 -13.36 27.23
CA GLY C 185 11.12 -14.44 26.74
C GLY C 185 11.89 -15.63 26.18
N THR C 186 13.13 -15.82 26.62
CA THR C 186 13.96 -16.93 26.16
C THR C 186 13.84 -18.10 27.14
N THR C 187 13.39 -19.26 26.65
CA THR C 187 13.12 -20.41 27.50
C THR C 187 13.68 -21.67 26.88
N HIS C 188 14.47 -22.42 27.64
CA HIS C 188 14.91 -23.75 27.22
C HIS C 188 13.92 -24.77 27.78
N LEU C 189 13.30 -25.55 26.90
CA LEU C 189 12.19 -26.42 27.30
C LEU C 189 12.63 -27.77 27.88
N GLY C 190 13.85 -28.22 27.55
CA GLY C 190 14.31 -29.54 27.92
C GLY C 190 15.17 -30.19 26.86
N GLY C 191 15.71 -31.37 27.15
CA GLY C 191 16.69 -31.97 26.27
C GLY C 191 16.14 -32.65 25.05
N ASP C 192 14.87 -33.06 25.06
CA ASP C 192 14.30 -33.65 23.86
C ASP C 192 14.19 -32.61 22.77
N ALA C 193 14.90 -32.83 21.67
CA ALA C 193 14.95 -31.84 20.58
C ALA C 193 13.57 -31.52 20.03
N GLY C 194 12.62 -32.44 20.17
CA GLY C 194 11.30 -32.25 19.62
C GLY C 194 10.36 -31.38 20.40
N LEU C 195 10.77 -30.89 21.57
CA LEU C 195 9.83 -30.19 22.44
C LEU C 195 9.43 -28.84 21.85
N ALA C 196 10.36 -28.10 21.23
CA ALA C 196 10.01 -26.76 20.77
C ALA C 196 8.88 -26.80 19.73
N ALA C 197 8.98 -27.73 18.76
CA ALA C 197 7.96 -27.78 17.72
C ALA C 197 6.61 -28.16 18.29
N LEU C 198 6.59 -29.02 19.31
CA LEU C 198 5.32 -29.41 19.92
C LEU C 198 4.70 -28.25 20.68
N HIS C 199 5.52 -27.48 21.41
CA HIS C 199 5.03 -26.30 22.13
C HIS C 199 4.53 -25.24 21.16
N ASP C 200 5.26 -25.04 20.07
CA ASP C 200 4.81 -24.12 19.02
C ASP C 200 3.37 -24.42 18.61
N LEU C 201 3.10 -25.67 18.27
CA LEU C 201 1.75 -26.06 17.86
C LEU C 201 0.72 -25.85 18.98
N ALA C 202 1.08 -26.22 20.21
CA ALA C 202 0.14 -26.07 21.31
C ALA C 202 -0.19 -24.61 21.55
N LEU C 203 0.83 -23.74 21.46
CA LEU C 203 0.55 -22.33 21.67
C LEU C 203 -0.26 -21.74 20.51
N LEU C 204 -0.03 -22.22 19.29
CA LEU C 204 -0.86 -21.76 18.18
C LEU C 204 -2.32 -22.14 18.41
N GLY C 205 -2.54 -23.31 19.01
CA GLY C 205 -3.91 -23.70 19.30
C GLY C 205 -4.64 -22.69 20.18
N ILE C 206 -3.92 -22.11 21.14
CA ILE C 206 -4.50 -21.05 21.95
C ILE C 206 -4.82 -19.83 21.10
N MET C 207 -3.87 -19.43 20.24
CA MET C 207 -4.10 -18.29 19.35
C MET C 207 -5.38 -18.49 18.54
N TRP C 208 -5.50 -19.65 17.91
CA TRP C 208 -6.68 -19.91 17.07
C TRP C 208 -7.96 -19.92 17.87
N GLY C 209 -7.92 -20.41 19.11
CA GLY C 209 -9.14 -20.45 19.89
C GLY C 209 -9.58 -19.05 20.26
N VAL C 210 -8.62 -18.18 20.62
CA VAL C 210 -8.92 -16.79 20.91
C VAL C 210 -9.50 -16.11 19.67
N LEU C 211 -8.79 -16.22 18.55
CA LEU C 211 -9.24 -15.49 17.37
C LEU C 211 -10.58 -16.00 16.87
N ASN C 212 -10.81 -17.32 16.92
CA ASN C 212 -12.12 -17.84 16.53
C ASN C 212 -13.22 -17.30 17.42
N GLY C 213 -12.99 -17.29 18.73
CA GLY C 213 -13.96 -16.71 19.65
C GLY C 213 -14.26 -15.25 19.32
N PHE C 214 -13.22 -14.47 19.02
CA PHE C 214 -13.40 -13.06 18.68
C PHE C 214 -14.19 -12.91 17.38
N LEU C 215 -13.81 -13.66 16.34
CA LEU C 215 -14.43 -13.46 15.02
C LEU C 215 -15.84 -14.02 14.99
N HIS C 216 -16.09 -15.15 15.64
CA HIS C 216 -17.46 -15.60 15.75
C HIS C 216 -18.29 -14.63 16.56
N GLY C 217 -17.71 -14.09 17.63
CA GLY C 217 -18.43 -13.14 18.47
C GLY C 217 -18.73 -11.87 17.71
N ALA C 218 -17.77 -11.43 16.88
CA ALA C 218 -17.97 -10.25 16.05
C ALA C 218 -19.09 -10.49 15.04
N ALA C 219 -19.13 -11.69 14.43
CA ALA C 219 -20.20 -12.02 13.51
C ALA C 219 -21.56 -12.04 14.21
N LEU C 220 -21.63 -12.69 15.38
CA LEU C 220 -22.84 -12.72 16.18
C LEU C 220 -23.30 -11.31 16.54
N LEU C 221 -22.41 -10.52 17.12
CA LEU C 221 -22.80 -9.20 17.59
C LEU C 221 -23.04 -8.24 16.44
N GLY C 222 -22.45 -8.49 15.28
CA GLY C 222 -22.69 -7.63 14.13
C GLY C 222 -24.15 -7.63 13.68
N THR C 223 -24.85 -8.76 13.88
CA THR C 223 -26.27 -8.79 13.52
C THR C 223 -27.08 -7.87 14.40
N ALA C 224 -26.55 -7.49 15.56
CA ALA C 224 -27.23 -6.58 16.48
C ALA C 224 -26.67 -5.16 16.40
N GLY C 225 -25.94 -4.86 15.32
CA GLY C 225 -25.42 -3.53 15.10
C GLY C 225 -24.11 -3.20 15.79
N VAL C 226 -23.44 -4.17 16.38
CA VAL C 226 -22.22 -3.90 17.13
C VAL C 226 -21.03 -3.96 16.19
N ARG C 227 -20.24 -2.88 16.16
CA ARG C 227 -19.02 -2.86 15.37
C ARG C 227 -17.95 -3.71 16.02
N ALA C 228 -17.11 -4.36 15.19
CA ALA C 228 -16.00 -5.12 15.76
C ALA C 228 -15.12 -4.23 16.63
N GLY C 229 -14.95 -2.96 16.27
CA GLY C 229 -14.12 -2.09 17.07
C GLY C 229 -14.72 -1.77 18.44
N ASP C 230 -16.02 -1.94 18.61
CA ASP C 230 -16.66 -1.76 19.91
C ASP C 230 -16.61 -3.02 20.74
N PHE C 231 -16.55 -4.18 20.08
CA PHE C 231 -16.43 -5.45 20.78
C PHE C 231 -14.99 -5.73 21.15
N ALA C 232 -14.02 -5.31 20.32
CA ALA C 232 -12.63 -5.70 20.55
C ALA C 232 -12.07 -5.30 21.92
N PRO C 233 -12.31 -4.09 22.45
CA PRO C 233 -11.80 -3.81 23.80
C PRO C 233 -12.31 -4.78 24.85
N LEU C 234 -13.60 -5.15 24.78
CA LEU C 234 -14.15 -6.09 25.75
C LEU C 234 -13.56 -7.48 25.55
N ALA C 235 -13.42 -7.87 24.29
CA ALA C 235 -12.85 -9.18 23.98
C ALA C 235 -11.39 -9.27 24.40
N ALA C 236 -10.60 -8.22 24.14
CA ALA C 236 -9.21 -8.26 24.54
C ALA C 236 -9.08 -8.34 26.06
N ARG C 237 -9.86 -7.53 26.78
CA ARG C 237 -9.81 -7.58 28.23
C ARG C 237 -10.22 -8.95 28.77
N MET C 238 -11.33 -9.50 28.24
CA MET C 238 -11.74 -10.84 28.62
C MET C 238 -10.63 -11.85 28.35
N THR C 239 -9.93 -11.71 27.21
CA THR C 239 -8.84 -12.62 26.90
C THR C 239 -7.76 -12.56 27.98
N THR C 240 -7.37 -11.36 28.39
CA THR C 240 -6.36 -11.27 29.44
C THR C 240 -6.87 -11.81 30.78
N VAL C 241 -8.17 -11.68 31.07
CA VAL C 241 -8.72 -12.26 32.29
C VAL C 241 -8.62 -13.78 32.23
N VAL C 242 -8.97 -14.38 31.10
CA VAL C 242 -8.95 -15.83 30.99
C VAL C 242 -7.53 -16.39 31.06
N ALA C 243 -6.52 -15.60 30.71
CA ALA C 243 -5.16 -16.05 30.93
C ALA C 243 -4.93 -16.42 32.39
N GLY C 244 -5.57 -15.69 33.32
CA GLY C 244 -5.48 -16.05 34.73
C GLY C 244 -6.20 -17.35 35.04
N TYR C 245 -7.28 -17.64 34.30
CA TYR C 245 -7.94 -18.95 34.47
C TYR C 245 -7.07 -20.09 33.99
N VAL C 246 -6.22 -19.86 32.98
CA VAL C 246 -5.25 -20.86 32.55
C VAL C 246 -4.32 -21.21 33.71
N THR C 247 -3.78 -20.19 34.36
CA THR C 247 -2.88 -20.41 35.49
C THR C 247 -3.57 -21.21 36.59
N ALA C 248 -4.81 -20.84 36.92
CA ALA C 248 -5.55 -21.54 37.98
C ALA C 248 -5.84 -22.99 37.61
N ALA C 249 -6.01 -23.28 36.33
CA ALA C 249 -6.36 -24.64 35.91
C ALA C 249 -5.19 -25.61 35.99
N ALA C 250 -3.94 -25.13 35.93
CA ALA C 250 -2.81 -26.06 35.83
C ALA C 250 -2.74 -27.03 37.00
N PRO C 251 -2.84 -26.61 38.26
CA PRO C 251 -2.77 -27.61 39.34
C PRO C 251 -3.92 -28.61 39.31
N GLU C 252 -5.08 -28.22 38.77
CA GLU C 252 -6.18 -29.18 38.65
C GLU C 252 -5.86 -30.24 37.61
N VAL C 253 -5.28 -29.83 36.47
CA VAL C 253 -4.83 -30.80 35.48
C VAL C 253 -3.74 -31.69 36.06
N ASP C 254 -2.78 -31.10 36.75
CA ASP C 254 -1.66 -31.92 37.20
C ASP C 254 -2.11 -32.90 38.29
N ALA C 255 -3.04 -32.50 39.14
CA ALA C 255 -3.54 -33.41 40.19
C ALA C 255 -4.60 -34.36 39.69
N GLY C 256 -5.25 -34.07 38.56
CA GLY C 256 -6.37 -34.89 38.15
C GLY C 256 -7.60 -34.75 39.01
N SER C 257 -7.81 -33.58 39.62
CA SER C 257 -8.99 -33.27 40.41
C SER C 257 -9.54 -31.94 39.93
N TYR C 258 -10.85 -31.88 39.69
CA TYR C 258 -11.43 -30.75 38.95
C TYR C 258 -12.62 -30.16 39.67
N PRO C 259 -12.39 -29.41 40.75
CA PRO C 259 -13.51 -28.80 41.47
C PRO C 259 -14.31 -27.85 40.58
N ALA C 260 -15.62 -27.77 40.84
CA ALA C 260 -16.51 -26.97 40.01
C ALA C 260 -16.18 -25.49 40.09
N GLY C 261 -15.75 -25.03 41.27
CA GLY C 261 -15.58 -23.60 41.44
C GLY C 261 -16.92 -22.94 41.19
N ASP C 262 -16.94 -21.89 40.39
CA ASP C 262 -18.19 -21.17 40.22
C ASP C 262 -19.00 -21.67 39.02
N ALA C 263 -18.56 -22.73 38.33
CA ALA C 263 -19.31 -23.20 37.17
C ALA C 263 -18.96 -24.66 36.88
N THR C 264 -19.94 -25.55 37.07
CA THR C 264 -19.81 -26.93 36.65
C THR C 264 -19.84 -27.04 35.13
N LEU C 265 -19.35 -28.16 34.61
CA LEU C 265 -19.43 -28.37 33.17
C LEU C 265 -20.88 -28.41 32.70
N THR C 266 -21.83 -28.80 33.56
CA THR C 266 -23.22 -28.73 33.12
C THR C 266 -23.63 -27.29 32.86
N VAL C 267 -23.14 -26.37 33.69
CA VAL C 267 -23.48 -24.97 33.49
C VAL C 267 -22.80 -24.44 32.23
N HIS C 268 -21.52 -24.81 32.03
CA HIS C 268 -20.82 -24.42 30.79
C HIS C 268 -21.58 -24.93 29.57
N GLN C 269 -22.00 -26.20 29.61
CA GLN C 269 -22.60 -26.79 28.42
C GLN C 269 -23.92 -26.11 28.09
N GLU C 270 -24.63 -25.63 29.10
CA GLU C 270 -25.88 -24.92 28.88
C GLU C 270 -25.64 -23.57 28.22
N ALA C 271 -24.61 -22.83 28.68
CA ALA C 271 -24.29 -21.57 28.01
C ALA C 271 -23.82 -21.81 26.58
N MET C 272 -23.08 -22.90 26.34
CA MET C 272 -22.69 -23.23 24.97
C MET C 272 -23.92 -23.45 24.09
N ARG C 273 -24.89 -24.20 24.59
CA ARG C 273 -26.12 -24.43 23.83
C ARG C 273 -26.81 -23.10 23.50
N HIS C 274 -26.84 -22.16 24.45
CA HIS C 274 -27.45 -20.87 24.19
C HIS C 274 -26.68 -20.09 23.13
N LEU C 275 -25.34 -20.18 23.13
CA LEU C 275 -24.57 -19.52 22.07
C LEU C 275 -24.91 -20.13 20.72
N ALA C 276 -25.05 -21.46 20.66
CA ALA C 276 -25.44 -22.11 19.42
C ALA C 276 -26.83 -21.68 18.98
N GLU C 277 -27.80 -21.74 19.90
CA GLU C 277 -29.18 -21.37 19.58
C GLU C 277 -29.28 -19.91 19.16
N GLU C 278 -28.54 -19.02 19.83
CA GLU C 278 -28.56 -17.62 19.44
C GLU C 278 -27.91 -17.43 18.08
N SER C 279 -26.81 -18.14 17.81
CA SER C 279 -26.23 -18.13 16.46
C SER C 279 -27.26 -18.54 15.41
N GLU C 280 -27.90 -19.70 15.62
CA GLU C 280 -28.89 -20.20 14.67
C GLU C 280 -30.01 -19.19 14.46
N ALA C 281 -30.55 -18.66 15.55
CA ALA C 281 -31.66 -17.71 15.45
C ALA C 281 -31.27 -16.44 14.70
N LEU C 282 -30.04 -15.98 14.84
CA LEU C 282 -29.63 -14.75 14.20
C LEU C 282 -29.00 -14.98 12.84
N GLY C 283 -28.95 -16.23 12.38
CA GLY C 283 -28.49 -16.55 11.05
C GLY C 283 -27.01 -16.46 10.85
N VAL C 284 -26.21 -16.61 11.89
CA VAL C 284 -24.77 -16.74 11.74
C VAL C 284 -24.39 -18.19 11.97
N ASN C 285 -23.14 -18.52 11.67
CA ASN C 285 -22.69 -19.90 11.73
C ASN C 285 -22.68 -20.41 13.18
N ALA C 286 -23.21 -21.59 13.39
CA ALA C 286 -23.29 -22.16 14.74
C ALA C 286 -22.41 -23.38 14.94
N GLU C 287 -21.56 -23.72 13.95
CA GLU C 287 -20.77 -24.94 14.07
C GLU C 287 -19.76 -24.88 15.22
N LEU C 288 -19.20 -23.68 15.47
CA LEU C 288 -18.25 -23.54 16.58
C LEU C 288 -18.94 -23.77 17.92
N PRO C 289 -19.99 -23.04 18.29
CA PRO C 289 -20.64 -23.37 19.58
C PRO C 289 -21.14 -24.81 19.65
N ARG C 290 -21.61 -25.38 18.53
CA ARG C 290 -22.06 -26.77 18.56
C ARG C 290 -20.89 -27.71 18.82
N PHE C 291 -19.71 -27.38 18.29
CA PHE C 291 -18.54 -28.21 18.56
C PHE C 291 -18.13 -28.09 20.03
N LEU C 292 -18.14 -26.87 20.59
CA LEU C 292 -17.85 -26.72 22.01
C LEU C 292 -18.80 -27.57 22.84
N GLN C 293 -20.09 -27.49 22.51
CA GLN C 293 -21.12 -28.21 23.25
C GLN C 293 -20.91 -29.71 23.16
N LEU C 294 -20.43 -30.19 22.01
CA LEU C 294 -20.12 -31.60 21.80
C LEU C 294 -19.02 -32.08 22.73
N LEU C 295 -17.94 -31.29 22.86
CA LEU C 295 -16.86 -31.67 23.74
C LEU C 295 -17.30 -31.63 25.21
N ALA C 296 -17.98 -30.57 25.61
CA ALA C 296 -18.40 -30.47 27.01
C ALA C 296 -19.38 -31.57 27.36
N GLY C 297 -20.28 -31.90 26.43
CA GLY C 297 -21.27 -32.92 26.70
C GLY C 297 -20.65 -34.28 26.85
N ARG C 298 -19.58 -34.55 26.11
CA ARG C 298 -18.83 -35.77 26.35
C ARG C 298 -18.34 -35.84 27.78
N ALA C 299 -17.64 -34.80 28.25
CA ALA C 299 -17.16 -34.84 29.63
C ALA C 299 -18.33 -34.99 30.60
N VAL C 300 -19.43 -34.29 30.34
CA VAL C 300 -20.59 -34.30 31.23
C VAL C 300 -21.23 -35.69 31.26
N ALA C 301 -21.14 -36.42 30.15
CA ALA C 301 -21.70 -37.77 30.10
C ALA C 301 -20.75 -38.84 30.62
N GLU C 302 -19.44 -38.58 30.69
CA GLU C 302 -18.48 -39.53 31.22
C GLU C 302 -18.12 -39.27 32.69
N GLY C 303 -19.01 -38.64 33.43
CA GLY C 303 -18.87 -38.54 34.88
C GLY C 303 -18.48 -37.19 35.43
N HIS C 304 -18.40 -36.14 34.60
CA HIS C 304 -17.93 -34.85 35.08
C HIS C 304 -19.00 -33.77 35.07
N ALA C 305 -20.26 -34.15 35.25
CA ALA C 305 -21.33 -33.16 35.29
C ALA C 305 -21.14 -32.15 36.41
N GLU C 306 -20.55 -32.56 37.53
CA GLU C 306 -20.36 -31.65 38.66
C GLU C 306 -18.92 -31.16 38.78
N SER C 307 -18.07 -31.48 37.80
CA SER C 307 -16.68 -31.01 37.79
C SER C 307 -16.57 -29.64 37.12
N GLY C 308 -15.44 -28.98 37.37
CA GLY C 308 -15.13 -27.73 36.69
C GLY C 308 -14.57 -27.97 35.30
N TYR C 309 -14.30 -26.85 34.60
CA TYR C 309 -13.95 -26.96 33.19
C TYR C 309 -12.67 -27.77 32.96
N SER C 310 -11.72 -27.71 33.90
CA SER C 310 -10.45 -28.41 33.69
C SER C 310 -10.64 -29.91 33.42
N ALA C 311 -11.79 -30.48 33.81
CA ALA C 311 -12.01 -31.90 33.55
C ALA C 311 -12.03 -32.22 32.07
N LEU C 312 -12.22 -31.23 31.21
CA LEU C 312 -12.18 -31.51 29.77
C LEU C 312 -10.82 -32.05 29.31
N VAL C 313 -9.75 -31.87 30.09
CA VAL C 313 -8.46 -32.43 29.69
C VAL C 313 -8.56 -33.94 29.51
N GLU C 314 -9.48 -34.59 30.23
CA GLU C 314 -9.68 -36.01 30.08
C GLU C 314 -10.19 -36.39 28.67
N GLN C 315 -11.13 -35.62 28.13
CA GLN C 315 -11.58 -35.87 26.77
C GLN C 315 -10.47 -35.59 25.75
N PHE C 316 -9.64 -34.57 26.01
CA PHE C 316 -8.58 -34.25 25.08
C PHE C 316 -7.47 -35.30 25.06
N ARG C 317 -7.36 -36.14 26.10
CA ARG C 317 -6.35 -37.19 26.10
C ARG C 317 -6.76 -38.41 25.29
N LYS C 318 -8.01 -38.50 24.84
CA LYS C 318 -8.50 -39.73 24.20
C LYS C 318 -8.77 -39.57 22.71
#